data_2JNY
#
_entry.id   2JNY
#
_entity_poly.entity_id   1
_entity_poly.type   'polypeptide(L)'
_entity_poly.pdbx_seq_one_letter_code
;MSLDPQLLEVLACPKDKGPLRYLESEQLLVNERLNLAYRIDDGIPVLLIDEATEWTPNNLEHHHHHH
;
_entity_poly.pdbx_strand_id   A
#
# COMPACT_ATOMS: atom_id res chain seq x y z
N MET A 1 -18.81 6.29 -14.02
CA MET A 1 -17.99 5.06 -14.15
C MET A 1 -18.32 4.06 -13.05
N SER A 2 -19.36 4.36 -12.26
CA SER A 2 -19.73 3.53 -11.11
C SER A 2 -18.63 3.57 -10.04
N LEU A 3 -18.75 2.69 -9.03
CA LEU A 3 -17.77 2.61 -7.95
C LEU A 3 -17.75 3.91 -7.14
N ASP A 4 -16.84 3.98 -6.18
CA ASP A 4 -16.69 5.16 -5.35
C ASP A 4 -15.21 5.56 -5.24
N PRO A 5 -14.71 6.35 -6.20
CA PRO A 5 -13.31 6.78 -6.23
C PRO A 5 -12.97 7.74 -5.07
N GLN A 6 -13.99 8.34 -4.49
CA GLN A 6 -13.82 9.28 -3.38
C GLN A 6 -13.20 8.56 -2.19
N LEU A 7 -13.72 7.36 -1.89
CA LEU A 7 -13.27 6.60 -0.73
C LEU A 7 -11.94 5.87 -1.01
N LEU A 8 -11.33 6.17 -2.14
CA LEU A 8 -10.08 5.51 -2.52
C LEU A 8 -8.97 6.55 -2.71
N GLU A 9 -9.13 7.41 -3.72
CA GLU A 9 -8.14 8.41 -4.09
C GLU A 9 -6.84 7.74 -4.57
N VAL A 10 -5.78 8.54 -4.68
CA VAL A 10 -4.49 8.03 -5.12
C VAL A 10 -3.51 7.99 -3.95
N LEU A 11 -3.10 6.78 -3.58
CA LEU A 11 -2.16 6.59 -2.49
C LEU A 11 -0.80 6.18 -3.03
N ALA A 12 0.19 7.05 -2.89
CA ALA A 12 1.52 6.80 -3.41
C ALA A 12 2.55 6.67 -2.30
N CYS A 13 3.62 5.95 -2.59
CA CYS A 13 4.71 5.74 -1.63
C CYS A 13 5.45 7.05 -1.36
N PRO A 14 5.77 7.33 -0.09
CA PRO A 14 6.49 8.56 0.30
C PRO A 14 7.88 8.66 -0.32
N LYS A 15 8.49 7.51 -0.63
CA LYS A 15 9.83 7.50 -1.21
C LYS A 15 9.80 7.30 -2.72
N ASP A 16 9.15 6.23 -3.16
CA ASP A 16 9.11 5.89 -4.58
C ASP A 16 8.18 6.82 -5.34
N LYS A 17 7.19 7.35 -4.62
CA LYS A 17 6.18 8.27 -5.18
C LYS A 17 5.30 7.55 -6.22
N GLY A 18 5.43 6.24 -6.28
CA GLY A 18 4.60 5.47 -7.17
C GLY A 18 3.35 4.98 -6.48
N PRO A 19 2.26 4.78 -7.24
CA PRO A 19 0.98 4.31 -6.68
C PRO A 19 1.09 2.92 -6.07
N LEU A 20 0.62 2.80 -4.85
CA LEU A 20 0.67 1.53 -4.14
C LEU A 20 -0.50 0.65 -4.57
N ARG A 21 -0.28 -0.66 -4.59
CA ARG A 21 -1.33 -1.58 -5.00
C ARG A 21 -2.23 -1.88 -3.82
N TYR A 22 -3.50 -1.56 -3.97
CA TYR A 22 -4.46 -1.63 -2.88
C TYR A 22 -5.10 -3.01 -2.79
N LEU A 23 -4.86 -3.70 -1.69
CA LEU A 23 -5.50 -4.98 -1.41
C LEU A 23 -6.76 -4.74 -0.57
N GLU A 24 -7.92 -4.98 -1.15
CA GLU A 24 -9.18 -4.67 -0.50
C GLU A 24 -9.47 -5.61 0.67
N SER A 25 -8.95 -6.83 0.59
CA SER A 25 -9.29 -7.86 1.58
C SER A 25 -8.76 -7.53 2.97
N GLU A 26 -7.56 -6.95 3.05
CA GLU A 26 -6.93 -6.71 4.34
C GLU A 26 -6.40 -5.27 4.45
N GLN A 27 -6.84 -4.42 3.53
CA GLN A 27 -6.40 -3.02 3.49
C GLN A 27 -4.88 -2.90 3.51
N LEU A 28 -4.25 -3.38 2.46
CA LEU A 28 -2.81 -3.35 2.36
C LEU A 28 -2.39 -2.53 1.15
N LEU A 29 -1.37 -1.71 1.33
CA LEU A 29 -0.79 -0.94 0.24
C LEU A 29 0.61 -1.45 -0.05
N VAL A 30 0.76 -2.13 -1.18
CA VAL A 30 2.04 -2.76 -1.48
C VAL A 30 2.69 -2.11 -2.69
N ASN A 31 3.96 -1.74 -2.54
CA ASN A 31 4.75 -1.28 -3.67
C ASN A 31 5.38 -2.50 -4.34
N GLU A 32 4.98 -2.75 -5.57
CA GLU A 32 5.33 -4.01 -6.23
C GLU A 32 6.75 -3.98 -6.79
N ARG A 33 7.37 -2.82 -6.71
CA ARG A 33 8.70 -2.63 -7.26
C ARG A 33 9.76 -2.73 -6.15
N LEU A 34 9.42 -2.21 -4.97
CA LEU A 34 10.31 -2.27 -3.82
C LEU A 34 10.03 -3.51 -2.97
N ASN A 35 8.83 -4.08 -3.17
CA ASN A 35 8.38 -5.25 -2.41
C ASN A 35 8.17 -4.89 -0.94
N LEU A 36 7.69 -3.68 -0.71
CA LEU A 36 7.43 -3.20 0.64
C LEU A 36 5.94 -2.88 0.79
N ALA A 37 5.41 -3.08 1.98
CA ALA A 37 3.99 -2.92 2.22
C ALA A 37 3.71 -1.91 3.31
N TYR A 38 2.66 -1.12 3.10
CA TYR A 38 2.17 -0.19 4.09
C TYR A 38 0.81 -0.66 4.58
N ARG A 39 0.57 -0.56 5.87
CA ARG A 39 -0.70 -1.00 6.43
C ARG A 39 -1.64 0.18 6.64
N ILE A 40 -2.90 -0.04 6.33
CA ILE A 40 -3.95 0.90 6.69
C ILE A 40 -4.54 0.44 8.00
N ASP A 41 -4.31 1.20 9.05
CA ASP A 41 -4.67 0.77 10.40
C ASP A 41 -5.85 1.57 10.93
N ASP A 42 -7.01 0.94 10.89
CA ASP A 42 -8.25 1.53 11.40
C ASP A 42 -8.58 2.83 10.67
N GLY A 43 -8.46 2.79 9.35
CA GLY A 43 -8.83 3.93 8.53
C GLY A 43 -7.66 4.86 8.26
N ILE A 44 -6.59 4.71 9.03
CA ILE A 44 -5.43 5.57 8.88
C ILE A 44 -4.27 4.80 8.26
N PRO A 45 -3.94 5.10 7.00
CA PRO A 45 -2.79 4.52 6.30
C PRO A 45 -1.50 5.16 6.75
N VAL A 46 -0.62 4.37 7.34
CA VAL A 46 0.63 4.89 7.86
C VAL A 46 1.69 4.96 6.76
N LEU A 47 1.70 6.06 6.05
CA LEU A 47 2.64 6.24 4.95
C LEU A 47 3.87 7.01 5.43
N LEU A 48 4.92 6.28 5.77
CA LEU A 48 6.17 6.88 6.21
C LEU A 48 7.34 6.24 5.48
N ILE A 49 8.52 6.83 5.64
CA ILE A 49 9.70 6.38 4.93
C ILE A 49 10.19 5.02 5.43
N ASP A 50 10.16 4.84 6.75
CA ASP A 50 10.73 3.64 7.35
C ASP A 50 9.65 2.78 8.01
N GLU A 51 8.40 3.17 7.84
CA GLU A 51 7.29 2.43 8.43
C GLU A 51 6.78 1.37 7.45
N ALA A 52 7.52 1.20 6.35
CA ALA A 52 7.20 0.20 5.37
C ALA A 52 7.72 -1.16 5.81
N THR A 53 6.87 -2.15 5.81
CA THR A 53 7.26 -3.48 6.26
C THR A 53 7.54 -4.38 5.07
N GLU A 54 8.35 -5.40 5.31
CA GLU A 54 8.69 -6.36 4.28
C GLU A 54 7.48 -7.22 3.94
N TRP A 55 7.22 -7.40 2.66
CA TRP A 55 6.14 -8.25 2.22
C TRP A 55 6.72 -9.41 1.40
N THR A 56 5.91 -10.40 1.09
CA THR A 56 6.33 -11.53 0.29
C THR A 56 6.83 -11.06 -1.09
N PRO A 57 8.14 -11.21 -1.34
CA PRO A 57 8.76 -10.73 -2.57
C PRO A 57 8.79 -11.81 -3.66
N ASN A 58 9.68 -11.63 -4.61
CA ASN A 58 9.83 -12.59 -5.70
C ASN A 58 10.52 -13.86 -5.17
N ASN A 59 10.30 -14.97 -5.85
CA ASN A 59 10.87 -16.24 -5.43
C ASN A 59 12.36 -16.28 -5.73
N LEU A 60 13.06 -17.23 -5.11
CA LEU A 60 14.49 -17.34 -5.27
C LEU A 60 14.84 -18.44 -6.27
N GLU A 61 16.13 -18.65 -6.47
CA GLU A 61 16.61 -19.64 -7.42
C GLU A 61 16.16 -21.05 -7.05
N MET A 1 -22.88 2.02 -0.50
CA MET A 1 -22.00 3.00 -1.19
C MET A 1 -20.94 2.25 -1.98
N SER A 2 -21.05 2.29 -3.30
CA SER A 2 -20.19 1.49 -4.16
C SER A 2 -19.14 2.35 -4.86
N LEU A 3 -17.89 2.15 -4.45
CA LEU A 3 -16.73 2.79 -5.07
C LEU A 3 -16.71 4.30 -4.89
N ASP A 4 -15.78 4.77 -4.07
CA ASP A 4 -15.58 6.20 -3.87
C ASP A 4 -14.09 6.52 -3.91
N PRO A 5 -13.55 6.79 -5.11
CA PRO A 5 -12.13 7.10 -5.30
C PRO A 5 -11.73 8.41 -4.64
N GLN A 6 -12.72 9.16 -4.16
CA GLN A 6 -12.48 10.44 -3.51
C GLN A 6 -11.89 10.22 -2.11
N LEU A 7 -12.50 9.31 -1.38
CA LEU A 7 -12.01 8.93 -0.05
C LEU A 7 -10.71 8.15 -0.19
N LEU A 8 -10.58 7.44 -1.30
CA LEU A 8 -9.40 6.61 -1.55
C LEU A 8 -8.20 7.45 -1.93
N GLU A 9 -8.41 8.43 -2.82
CA GLU A 9 -7.33 9.27 -3.33
C GLU A 9 -6.31 8.42 -4.10
N VAL A 10 -5.20 9.02 -4.48
CA VAL A 10 -4.09 8.29 -5.05
C VAL A 10 -2.97 8.23 -4.03
N LEU A 11 -2.93 7.14 -3.28
CA LEU A 11 -1.96 6.98 -2.22
C LEU A 11 -0.59 6.62 -2.79
N ALA A 12 0.38 7.49 -2.54
CA ALA A 12 1.73 7.27 -3.01
C ALA A 12 2.68 7.05 -1.85
N CYS A 13 3.68 6.23 -2.07
CA CYS A 13 4.61 5.82 -1.03
C CYS A 13 5.54 6.96 -0.61
N PRO A 14 6.03 6.95 0.64
CA PRO A 14 7.01 7.93 1.12
C PRO A 14 8.41 7.65 0.60
N LYS A 15 8.55 6.54 -0.12
CA LYS A 15 9.84 6.15 -0.67
C LYS A 15 10.09 6.81 -2.03
N ASP A 16 9.44 6.30 -3.05
CA ASP A 16 9.61 6.81 -4.42
C ASP A 16 8.39 7.62 -4.84
N LYS A 17 7.42 7.72 -3.92
CA LYS A 17 6.14 8.36 -4.16
C LYS A 17 5.42 7.68 -5.32
N GLY A 18 5.62 6.38 -5.43
CA GLY A 18 4.92 5.59 -6.42
C GLY A 18 3.57 5.13 -5.90
N PRO A 19 2.62 4.85 -6.82
CA PRO A 19 1.26 4.44 -6.45
C PRO A 19 1.24 3.14 -5.65
N LEU A 20 0.51 3.17 -4.54
CA LEU A 20 0.34 2.00 -3.70
C LEU A 20 -0.70 1.06 -4.28
N ARG A 21 -0.38 -0.23 -4.31
CA ARG A 21 -1.30 -1.24 -4.78
C ARG A 21 -2.22 -1.65 -3.64
N TYR A 22 -3.49 -1.27 -3.75
CA TYR A 22 -4.45 -1.50 -2.68
C TYR A 22 -5.09 -2.88 -2.77
N LEU A 23 -4.89 -3.68 -1.74
CA LEU A 23 -5.57 -4.96 -1.62
C LEU A 23 -6.89 -4.75 -0.88
N GLU A 24 -7.98 -5.10 -1.53
CA GLU A 24 -9.32 -4.81 -1.01
C GLU A 24 -9.69 -5.79 0.10
N SER A 25 -9.00 -6.92 0.14
CA SER A 25 -9.29 -7.96 1.13
C SER A 25 -9.16 -7.43 2.57
N GLU A 26 -7.95 -7.04 2.94
CA GLU A 26 -7.68 -6.65 4.33
C GLU A 26 -7.05 -5.26 4.39
N GLN A 27 -7.31 -4.46 3.35
CA GLN A 27 -6.79 -3.10 3.27
C GLN A 27 -5.27 -3.09 3.41
N LEU A 28 -4.59 -3.55 2.36
CA LEU A 28 -3.13 -3.59 2.37
C LEU A 28 -2.59 -2.72 1.25
N LEU A 29 -1.53 -2.00 1.55
CA LEU A 29 -0.88 -1.15 0.55
C LEU A 29 0.51 -1.67 0.25
N VAL A 30 0.69 -2.21 -0.94
CA VAL A 30 1.98 -2.78 -1.33
C VAL A 30 2.61 -1.99 -2.47
N ASN A 31 3.86 -1.61 -2.29
CA ASN A 31 4.62 -0.95 -3.35
C ASN A 31 5.14 -2.01 -4.31
N GLU A 32 4.68 -1.95 -5.55
CA GLU A 32 4.97 -3.00 -6.53
C GLU A 32 6.39 -2.87 -7.11
N ARG A 33 7.12 -1.87 -6.64
CA ARG A 33 8.47 -1.61 -7.17
C ARG A 33 9.54 -2.12 -6.20
N LEU A 34 9.38 -1.79 -4.92
CA LEU A 34 10.38 -2.13 -3.92
C LEU A 34 9.95 -3.36 -3.11
N ASN A 35 8.71 -3.81 -3.32
CA ASN A 35 8.16 -4.99 -2.62
C ASN A 35 8.03 -4.70 -1.13
N LEU A 36 7.46 -3.54 -0.81
CA LEU A 36 7.28 -3.11 0.57
C LEU A 36 5.79 -2.96 0.87
N ALA A 37 5.41 -3.19 2.12
CA ALA A 37 4.00 -3.15 2.49
C ALA A 37 3.76 -2.15 3.60
N TYR A 38 2.64 -1.44 3.48
CA TYR A 38 2.21 -0.48 4.49
C TYR A 38 0.86 -0.91 5.05
N ARG A 39 0.63 -0.64 6.33
CA ARG A 39 -0.61 -1.05 6.99
C ARG A 39 -1.62 0.09 7.00
N ILE A 40 -2.88 -0.25 6.82
CA ILE A 40 -3.95 0.72 6.92
C ILE A 40 -4.71 0.53 8.22
N ASP A 41 -4.59 1.49 9.12
CA ASP A 41 -5.22 1.38 10.44
C ASP A 41 -6.61 1.99 10.41
N ASP A 42 -7.61 1.13 10.17
CA ASP A 42 -9.03 1.49 10.22
C ASP A 42 -9.38 2.61 9.21
N GLY A 43 -8.50 2.83 8.25
CA GLY A 43 -8.75 3.86 7.26
C GLY A 43 -7.61 4.86 7.15
N ILE A 44 -6.64 4.74 8.04
CA ILE A 44 -5.46 5.61 7.99
C ILE A 44 -4.25 4.81 7.54
N PRO A 45 -3.73 5.12 6.34
CA PRO A 45 -2.53 4.49 5.82
C PRO A 45 -1.28 4.95 6.55
N VAL A 46 -0.59 4.02 7.20
CA VAL A 46 0.63 4.34 7.93
C VAL A 46 1.79 4.51 6.96
N LEU A 47 2.00 5.74 6.50
CA LEU A 47 3.04 6.02 5.54
C LEU A 47 4.31 6.48 6.24
N LEU A 48 5.08 5.53 6.74
CA LEU A 48 6.32 5.82 7.43
C LEU A 48 7.45 4.99 6.84
N ILE A 49 8.66 5.52 6.87
CA ILE A 49 9.81 4.87 6.24
C ILE A 49 10.27 3.64 7.02
N ASP A 50 10.30 3.75 8.34
CA ASP A 50 10.79 2.67 9.18
C ASP A 50 9.72 1.60 9.41
N GLU A 51 8.46 2.01 9.33
CA GLU A 51 7.35 1.07 9.48
C GLU A 51 7.13 0.26 8.20
N ALA A 52 7.72 0.73 7.10
CA ALA A 52 7.65 0.01 5.84
C ALA A 52 8.28 -1.37 5.98
N THR A 53 7.46 -2.39 5.85
CA THR A 53 7.92 -3.75 6.07
C THR A 53 8.06 -4.48 4.74
N GLU A 54 8.96 -5.44 4.69
CA GLU A 54 9.19 -6.23 3.50
C GLU A 54 8.10 -7.29 3.36
N TRP A 55 7.44 -7.30 2.23
CA TRP A 55 6.35 -8.23 1.99
C TRP A 55 6.90 -9.57 1.52
N THR A 56 6.00 -10.43 1.05
CA THR A 56 6.33 -11.77 0.57
C THR A 56 7.67 -11.83 -0.18
N PRO A 57 8.55 -12.77 0.23
CA PRO A 57 9.87 -12.97 -0.39
C PRO A 57 9.77 -13.16 -1.91
N ASN A 58 10.84 -12.81 -2.61
CA ASN A 58 10.83 -12.85 -4.07
C ASN A 58 11.18 -14.24 -4.59
N ASN A 59 10.28 -15.19 -4.30
CA ASN A 59 10.33 -16.60 -4.75
C ASN A 59 11.67 -17.32 -4.49
N LEU A 60 11.61 -18.65 -4.62
CA LEU A 60 12.74 -19.53 -4.38
C LEU A 60 13.38 -19.21 -3.04
N GLU A 61 12.55 -19.11 -2.01
CA GLU A 61 13.00 -18.68 -0.71
C GLU A 61 13.24 -19.87 0.22
N MET A 1 -18.56 -1.92 -5.07
CA MET A 1 -18.86 -2.32 -6.47
C MET A 1 -18.54 -1.19 -7.43
N SER A 2 -18.28 -0.01 -6.90
CA SER A 2 -18.02 1.16 -7.73
C SER A 2 -16.58 1.65 -7.53
N LEU A 3 -16.06 2.35 -8.52
CA LEU A 3 -14.71 2.88 -8.47
C LEU A 3 -14.74 4.30 -7.90
N ASP A 4 -13.99 4.53 -6.82
CA ASP A 4 -13.94 5.84 -6.20
C ASP A 4 -12.52 6.37 -6.19
N PRO A 5 -12.12 7.09 -7.25
CA PRO A 5 -10.74 7.57 -7.42
C PRO A 5 -10.35 8.62 -6.37
N GLN A 6 -11.33 9.11 -5.62
CA GLN A 6 -11.07 10.13 -4.62
C GLN A 6 -10.59 9.50 -3.33
N LEU A 7 -11.26 8.41 -2.92
CA LEU A 7 -10.89 7.70 -1.71
C LEU A 7 -9.53 7.02 -1.87
N LEU A 8 -9.08 6.89 -3.11
CA LEU A 8 -7.79 6.31 -3.40
C LEU A 8 -6.67 7.33 -3.16
N GLU A 9 -6.91 8.58 -3.56
CA GLU A 9 -5.93 9.65 -3.42
C GLU A 9 -4.60 9.31 -4.10
N VAL A 10 -3.56 10.06 -3.76
CA VAL A 10 -2.22 9.78 -4.25
C VAL A 10 -1.48 8.92 -3.23
N LEU A 11 -1.28 7.66 -3.55
CA LEU A 11 -0.60 6.74 -2.66
C LEU A 11 0.76 6.36 -3.21
N ALA A 12 1.81 6.91 -2.61
CA ALA A 12 3.16 6.65 -3.04
C ALA A 12 4.01 6.16 -1.88
N CYS A 13 4.93 5.26 -2.18
CA CYS A 13 5.87 4.76 -1.18
C CYS A 13 6.91 5.83 -0.86
N PRO A 14 7.02 6.22 0.42
CA PRO A 14 7.95 7.28 0.87
C PRO A 14 9.41 7.02 0.51
N LYS A 15 9.72 5.82 0.04
CA LYS A 15 11.07 5.49 -0.39
C LYS A 15 11.36 6.03 -1.79
N ASP A 16 10.68 5.47 -2.79
CA ASP A 16 10.99 5.77 -4.20
C ASP A 16 9.83 6.49 -4.89
N LYS A 17 8.78 6.78 -4.13
CA LYS A 17 7.60 7.49 -4.64
C LYS A 17 6.79 6.61 -5.60
N GLY A 18 7.07 5.31 -5.59
CA GLY A 18 6.33 4.39 -6.43
C GLY A 18 4.89 4.20 -5.95
N PRO A 19 3.93 4.07 -6.88
CA PRO A 19 2.51 3.89 -6.56
C PRO A 19 2.25 2.60 -5.76
N LEU A 20 1.34 2.69 -4.80
CA LEU A 20 1.04 1.57 -3.94
C LEU A 20 -0.15 0.77 -4.46
N ARG A 21 -0.11 -0.53 -4.28
CA ARG A 21 -1.22 -1.40 -4.61
C ARG A 21 -2.19 -1.47 -3.42
N TYR A 22 -3.45 -1.19 -3.67
CA TYR A 22 -4.46 -1.14 -2.61
C TYR A 22 -5.09 -2.53 -2.40
N LEU A 23 -4.65 -3.22 -1.36
CA LEU A 23 -5.19 -4.53 -1.03
C LEU A 23 -6.36 -4.38 -0.05
N GLU A 24 -7.57 -4.59 -0.56
CA GLU A 24 -8.78 -4.45 0.24
C GLU A 24 -8.97 -5.64 1.19
N SER A 25 -8.15 -6.66 1.02
CA SER A 25 -8.25 -7.87 1.82
C SER A 25 -7.69 -7.66 3.23
N GLU A 26 -6.40 -7.37 3.30
CA GLU A 26 -5.71 -7.25 4.58
C GLU A 26 -5.44 -5.78 4.92
N GLN A 27 -6.09 -4.88 4.19
CA GLN A 27 -5.88 -3.44 4.34
C GLN A 27 -4.39 -3.11 4.17
N LEU A 28 -3.84 -3.52 3.03
CA LEU A 28 -2.42 -3.37 2.78
C LEU A 28 -2.17 -2.49 1.56
N LEU A 29 -1.16 -1.65 1.67
CA LEU A 29 -0.67 -0.91 0.53
C LEU A 29 0.71 -1.45 0.17
N VAL A 30 0.79 -2.16 -0.94
CA VAL A 30 2.01 -2.85 -1.29
C VAL A 30 2.62 -2.27 -2.55
N ASN A 31 3.88 -1.86 -2.46
CA ASN A 31 4.60 -1.42 -3.65
C ASN A 31 5.37 -2.59 -4.24
N GLU A 32 4.98 -2.98 -5.44
CA GLU A 32 5.58 -4.13 -6.11
C GLU A 32 6.96 -3.80 -6.64
N ARG A 33 7.28 -2.51 -6.68
CA ARG A 33 8.58 -2.05 -7.15
C ARG A 33 9.66 -2.24 -6.09
N LEU A 34 9.27 -2.20 -4.82
CA LEU A 34 10.23 -2.27 -3.73
C LEU A 34 9.93 -3.41 -2.76
N ASN A 35 8.83 -4.14 -3.00
CA ASN A 35 8.41 -5.23 -2.13
C ASN A 35 8.13 -4.73 -0.73
N LEU A 36 7.55 -3.55 -0.63
CA LEU A 36 7.28 -2.94 0.67
C LEU A 36 5.79 -2.75 0.87
N ALA A 37 5.31 -3.14 2.05
CA ALA A 37 3.89 -3.08 2.36
C ALA A 37 3.62 -2.21 3.59
N TYR A 38 2.56 -1.42 3.51
CA TYR A 38 2.10 -0.59 4.62
C TYR A 38 0.68 -1.00 4.98
N ARG A 39 0.30 -0.82 6.23
CA ARG A 39 -1.05 -1.17 6.65
C ARG A 39 -1.95 0.07 6.75
N ILE A 40 -3.20 -0.13 6.41
CA ILE A 40 -4.22 0.88 6.63
C ILE A 40 -4.93 0.58 7.94
N ASP A 41 -4.75 1.43 8.93
CA ASP A 41 -5.25 1.16 10.27
C ASP A 41 -6.41 2.09 10.60
N ASP A 42 -7.59 1.50 10.78
CA ASP A 42 -8.81 2.24 11.10
C ASP A 42 -9.12 3.27 9.99
N GLY A 43 -8.84 2.89 8.76
CA GLY A 43 -9.11 3.75 7.63
C GLY A 43 -7.98 4.74 7.38
N ILE A 44 -6.95 4.68 8.21
CA ILE A 44 -5.80 5.58 8.06
C ILE A 44 -4.60 4.81 7.55
N PRO A 45 -4.20 5.07 6.30
CA PRO A 45 -3.01 4.44 5.71
C PRO A 45 -1.73 4.92 6.39
N VAL A 46 -1.08 4.03 7.13
CA VAL A 46 0.12 4.39 7.85
C VAL A 46 1.32 4.43 6.92
N LEU A 47 1.56 5.59 6.34
CA LEU A 47 2.66 5.76 5.40
C LEU A 47 3.85 6.41 6.08
N LEU A 48 4.62 5.61 6.79
CA LEU A 48 5.83 6.07 7.43
C LEU A 48 7.02 5.32 6.85
N ILE A 49 8.19 5.95 6.88
CA ILE A 49 9.39 5.36 6.30
C ILE A 49 9.70 4.00 6.91
N ASP A 50 9.69 3.92 8.23
CA ASP A 50 10.08 2.68 8.91
C ASP A 50 8.89 1.75 9.10
N GLU A 51 7.80 2.05 8.41
CA GLU A 51 6.64 1.16 8.39
C GLU A 51 6.72 0.23 7.19
N ALA A 52 7.68 0.53 6.31
CA ALA A 52 7.86 -0.26 5.10
C ALA A 52 8.39 -1.65 5.43
N THR A 53 7.50 -2.61 5.47
CA THR A 53 7.88 -3.98 5.73
C THR A 53 8.07 -4.72 4.41
N GLU A 54 9.05 -5.63 4.37
CA GLU A 54 9.30 -6.41 3.17
C GLU A 54 8.23 -7.48 3.04
N TRP A 55 7.55 -7.49 1.92
CA TRP A 55 6.39 -8.35 1.73
C TRP A 55 6.64 -9.33 0.59
N THR A 56 5.70 -10.26 0.41
CA THR A 56 5.75 -11.24 -0.66
C THR A 56 5.83 -10.56 -2.02
N PRO A 57 6.84 -10.92 -2.84
CA PRO A 57 7.00 -10.36 -4.19
C PRO A 57 5.79 -10.65 -5.08
N ASN A 58 5.26 -9.61 -5.69
CA ASN A 58 4.08 -9.73 -6.53
C ASN A 58 4.37 -10.60 -7.76
N ASN A 59 3.66 -11.72 -7.85
CA ASN A 59 3.85 -12.67 -8.95
C ASN A 59 3.23 -12.14 -10.24
N LEU A 60 2.48 -11.08 -10.12
CA LEU A 60 1.86 -10.43 -11.28
C LEU A 60 2.85 -9.46 -11.91
N GLU A 61 3.81 -10.01 -12.64
CA GLU A 61 4.85 -9.22 -13.27
C GLU A 61 4.39 -8.80 -14.68
N MET A 1 -23.62 7.14 -5.59
CA MET A 1 -22.72 5.97 -5.57
C MET A 1 -21.64 6.12 -6.64
N SER A 2 -20.41 5.72 -6.31
CA SER A 2 -19.28 5.84 -7.22
C SER A 2 -18.03 5.35 -6.52
N LEU A 3 -16.98 5.09 -7.29
CA LEU A 3 -15.68 4.83 -6.70
C LEU A 3 -15.21 6.10 -6.01
N ASP A 4 -14.63 5.96 -4.84
CA ASP A 4 -14.33 7.13 -4.01
C ASP A 4 -12.84 7.27 -3.76
N PRO A 5 -12.12 7.96 -4.65
CA PRO A 5 -10.67 8.18 -4.52
C PRO A 5 -10.35 9.17 -3.41
N GLN A 6 -11.37 9.74 -2.79
CA GLN A 6 -11.17 10.69 -1.71
C GLN A 6 -10.99 9.94 -0.40
N LEU A 7 -11.56 8.74 -0.34
CA LEU A 7 -11.32 7.85 0.79
C LEU A 7 -10.02 7.08 0.58
N LEU A 8 -9.32 7.42 -0.49
CA LEU A 8 -8.08 6.76 -0.83
C LEU A 8 -6.90 7.74 -0.77
N GLU A 9 -7.15 8.98 -1.19
CA GLU A 9 -6.10 10.01 -1.26
C GLU A 9 -5.07 9.67 -2.32
N VAL A 10 -3.99 10.45 -2.37
CA VAL A 10 -2.91 10.18 -3.29
C VAL A 10 -1.97 9.14 -2.68
N LEU A 11 -2.18 7.89 -3.06
CA LEU A 11 -1.41 6.79 -2.50
C LEU A 11 -0.12 6.55 -3.29
N ALA A 12 0.99 6.99 -2.71
CA ALA A 12 2.30 6.76 -3.28
C ALA A 12 3.28 6.42 -2.16
N CYS A 13 4.24 5.56 -2.45
CA CYS A 13 5.21 5.15 -1.46
C CYS A 13 6.24 6.24 -1.25
N PRO A 14 6.50 6.61 0.02
CA PRO A 14 7.44 7.69 0.37
C PRO A 14 8.84 7.45 -0.18
N LYS A 15 9.24 6.18 -0.28
CA LYS A 15 10.58 5.84 -0.73
C LYS A 15 10.72 5.98 -2.25
N ASP A 16 9.94 5.20 -2.97
CA ASP A 16 10.11 5.07 -4.42
C ASP A 16 9.31 6.11 -5.18
N LYS A 17 8.28 6.66 -4.52
CA LYS A 17 7.35 7.61 -5.15
C LYS A 17 6.52 6.95 -6.24
N GLY A 18 6.44 5.62 -6.17
CA GLY A 18 5.63 4.88 -7.12
C GLY A 18 4.24 4.62 -6.58
N PRO A 19 3.29 4.26 -7.44
CA PRO A 19 1.89 4.01 -7.06
C PRO A 19 1.75 2.81 -6.13
N LEU A 20 0.93 2.96 -5.11
CA LEU A 20 0.69 1.88 -4.17
C LEU A 20 -0.48 1.03 -4.62
N ARG A 21 -0.30 -0.28 -4.55
CA ARG A 21 -1.36 -1.22 -4.86
C ARG A 21 -2.23 -1.42 -3.65
N TYR A 22 -3.53 -1.28 -3.84
CA TYR A 22 -4.47 -1.31 -2.74
C TYR A 22 -5.05 -2.71 -2.57
N LEU A 23 -4.80 -3.32 -1.42
CA LEU A 23 -5.37 -4.61 -1.11
C LEU A 23 -6.49 -4.46 -0.09
N GLU A 24 -7.73 -4.46 -0.58
CA GLU A 24 -8.89 -4.27 0.26
C GLU A 24 -9.02 -5.42 1.27
N SER A 25 -8.71 -6.62 0.82
CA SER A 25 -8.90 -7.84 1.60
C SER A 25 -8.29 -7.76 3.01
N GLU A 26 -7.12 -7.13 3.12
CA GLU A 26 -6.40 -7.10 4.40
C GLU A 26 -5.92 -5.70 4.73
N GLN A 27 -6.42 -4.71 3.98
CA GLN A 27 -6.07 -3.30 4.20
C GLN A 27 -4.56 -3.07 4.14
N LEU A 28 -3.98 -3.34 2.98
CA LEU A 28 -2.54 -3.20 2.80
C LEU A 28 -2.22 -2.39 1.56
N LEU A 29 -1.12 -1.64 1.62
CA LEU A 29 -0.63 -0.90 0.47
C LEU A 29 0.76 -1.41 0.09
N VAL A 30 0.85 -2.07 -1.05
CA VAL A 30 2.11 -2.69 -1.46
C VAL A 30 2.60 -2.10 -2.77
N ASN A 31 3.89 -1.77 -2.83
CA ASN A 31 4.48 -1.32 -4.09
C ASN A 31 5.33 -2.43 -4.69
N GLU A 32 5.02 -2.76 -5.93
CA GLU A 32 5.68 -3.85 -6.63
C GLU A 32 7.18 -3.65 -6.70
N ARG A 33 7.60 -2.42 -6.98
CA ARG A 33 9.01 -2.12 -7.19
C ARG A 33 9.72 -1.78 -5.88
N LEU A 34 9.08 -2.11 -4.76
CA LEU A 34 9.72 -1.98 -3.45
C LEU A 34 9.69 -3.31 -2.70
N ASN A 35 8.65 -4.11 -2.96
CA ASN A 35 8.41 -5.36 -2.22
C ASN A 35 8.12 -5.04 -0.76
N LEU A 36 7.59 -3.84 -0.53
CA LEU A 36 7.27 -3.38 0.81
C LEU A 36 5.79 -3.13 0.94
N ALA A 37 5.25 -3.36 2.12
CA ALA A 37 3.85 -3.14 2.39
C ALA A 37 3.65 -2.17 3.54
N TYR A 38 2.70 -1.27 3.37
CA TYR A 38 2.33 -0.33 4.41
C TYR A 38 0.96 -0.70 4.95
N ARG A 39 0.77 -0.57 6.26
CA ARG A 39 -0.46 -1.00 6.90
C ARG A 39 -1.47 0.14 6.96
N ILE A 40 -2.74 -0.22 6.81
CA ILE A 40 -3.83 0.73 6.93
C ILE A 40 -4.57 0.46 8.24
N ASP A 41 -4.48 1.38 9.18
CA ASP A 41 -5.04 1.18 10.51
C ASP A 41 -6.45 1.77 10.60
N ASP A 42 -7.45 0.88 10.63
CA ASP A 42 -8.85 1.27 10.82
C ASP A 42 -9.35 2.18 9.69
N GLY A 43 -8.65 2.16 8.56
CA GLY A 43 -9.06 2.97 7.43
C GLY A 43 -8.13 4.15 7.22
N ILE A 44 -7.14 4.29 8.09
CA ILE A 44 -6.15 5.35 7.96
C ILE A 44 -4.82 4.76 7.50
N PRO A 45 -4.44 5.01 6.25
CA PRO A 45 -3.19 4.52 5.68
C PRO A 45 -1.99 5.32 6.21
N VAL A 46 -1.15 4.66 6.98
CA VAL A 46 0.04 5.31 7.53
C VAL A 46 1.20 5.13 6.57
N LEU A 47 1.46 6.14 5.76
CA LEU A 47 2.50 6.06 4.76
C LEU A 47 3.80 6.63 5.30
N LEU A 48 4.60 5.78 5.91
CA LEU A 48 5.90 6.18 6.45
C LEU A 48 6.94 5.12 6.12
N ILE A 49 8.20 5.53 6.05
CA ILE A 49 9.29 4.60 5.80
C ILE A 49 9.58 3.82 7.09
N ASP A 50 9.11 4.38 8.18
CA ASP A 50 9.20 3.74 9.49
C ASP A 50 8.22 2.57 9.58
N GLU A 51 7.24 2.57 8.68
CA GLU A 51 6.22 1.53 8.65
C GLU A 51 6.47 0.56 7.50
N ALA A 52 7.66 0.63 6.92
CA ALA A 52 7.99 -0.17 5.75
C ALA A 52 8.34 -1.61 6.13
N THR A 53 7.45 -2.54 5.78
CA THR A 53 7.68 -3.95 6.03
C THR A 53 7.87 -4.71 4.72
N GLU A 54 8.78 -5.67 4.72
CA GLU A 54 9.05 -6.48 3.54
C GLU A 54 7.94 -7.52 3.36
N TRP A 55 7.39 -7.62 2.15
CA TRP A 55 6.18 -8.41 1.94
C TRP A 55 6.26 -9.28 0.68
N THR A 56 6.07 -10.59 0.89
CA THR A 56 5.87 -11.56 -0.19
C THR A 56 7.14 -11.85 -1.01
N PRO A 57 7.71 -13.04 -0.81
CA PRO A 57 8.77 -13.57 -1.66
C PRO A 57 8.20 -14.50 -2.75
N ASN A 58 8.32 -14.06 -4.00
CA ASN A 58 7.76 -14.82 -5.12
C ASN A 58 8.74 -15.91 -5.57
N ASN A 59 8.21 -16.98 -6.13
CA ASN A 59 9.03 -18.08 -6.64
C ASN A 59 9.98 -17.60 -7.73
N LEU A 60 11.27 -17.61 -7.43
CA LEU A 60 12.28 -17.25 -8.41
C LEU A 60 12.91 -18.51 -8.99
N GLU A 61 13.76 -18.34 -9.99
CA GLU A 61 14.37 -19.47 -10.69
C GLU A 61 15.68 -19.88 -10.03
N MET A 1 -23.51 -4.35 -3.31
CA MET A 1 -22.29 -4.05 -2.53
C MET A 1 -21.95 -2.58 -2.65
N SER A 2 -22.18 -1.83 -1.59
CA SER A 2 -21.98 -0.39 -1.60
C SER A 2 -20.51 -0.04 -1.47
N LEU A 3 -19.86 0.19 -2.61
CA LEU A 3 -18.47 0.63 -2.62
C LEU A 3 -18.42 2.13 -2.41
N ASP A 4 -17.68 2.55 -1.40
CA ASP A 4 -17.60 3.95 -1.03
C ASP A 4 -16.16 4.45 -1.10
N PRO A 5 -15.77 5.03 -2.25
CA PRO A 5 -14.38 5.46 -2.55
C PRO A 5 -13.78 6.48 -1.55
N GLN A 6 -14.41 6.67 -0.39
CA GLN A 6 -13.78 7.45 0.67
C GLN A 6 -12.63 6.65 1.28
N LEU A 7 -12.64 5.35 1.03
CA LEU A 7 -11.58 4.46 1.49
C LEU A 7 -10.48 4.36 0.44
N LEU A 8 -10.60 5.15 -0.61
CA LEU A 8 -9.63 5.13 -1.70
C LEU A 8 -9.04 6.52 -1.89
N GLU A 9 -7.73 6.57 -2.07
CA GLU A 9 -7.03 7.82 -2.27
C GLU A 9 -5.74 7.56 -3.03
N VAL A 10 -5.23 8.57 -3.73
CA VAL A 10 -3.95 8.45 -4.39
C VAL A 10 -2.84 8.40 -3.34
N LEU A 11 -2.46 7.18 -2.98
CA LEU A 11 -1.48 6.96 -1.92
C LEU A 11 -0.12 6.64 -2.52
N ALA A 12 0.91 7.27 -1.97
CA ALA A 12 2.26 7.10 -2.49
C ALA A 12 3.25 6.86 -1.33
N CYS A 13 4.36 6.21 -1.65
CA CYS A 13 5.39 5.93 -0.66
C CYS A 13 6.16 7.20 -0.29
N PRO A 14 6.59 7.32 0.98
CA PRO A 14 7.36 8.49 1.45
C PRO A 14 8.79 8.53 0.92
N LYS A 15 9.04 7.76 -0.14
CA LYS A 15 10.33 7.74 -0.81
C LYS A 15 10.12 7.76 -2.32
N ASP A 16 9.52 6.69 -2.82
CA ASP A 16 9.28 6.52 -4.25
C ASP A 16 8.21 7.48 -4.75
N LYS A 17 7.18 7.70 -3.93
CA LYS A 17 6.06 8.58 -4.30
C LYS A 17 5.32 8.06 -5.52
N GLY A 18 5.47 6.76 -5.80
CA GLY A 18 4.78 6.15 -6.92
C GLY A 18 3.48 5.49 -6.51
N PRO A 19 2.88 4.70 -7.41
CA PRO A 19 1.58 4.08 -7.17
C PRO A 19 1.64 2.88 -6.23
N LEU A 20 0.72 2.83 -5.28
CA LEU A 20 0.60 1.71 -4.36
C LEU A 20 -0.56 0.81 -4.77
N ARG A 21 -0.34 -0.49 -4.70
CA ARG A 21 -1.40 -1.45 -4.98
C ARG A 21 -2.23 -1.68 -3.72
N TYR A 22 -3.53 -1.48 -3.84
CA TYR A 22 -4.43 -1.66 -2.71
C TYR A 22 -4.95 -3.09 -2.68
N LEU A 23 -4.44 -3.87 -1.75
CA LEU A 23 -4.92 -5.22 -1.55
C LEU A 23 -6.17 -5.20 -0.67
N GLU A 24 -7.31 -5.47 -1.28
CA GLU A 24 -8.59 -5.39 -0.58
C GLU A 24 -8.76 -6.57 0.38
N SER A 25 -8.29 -7.72 -0.05
CA SER A 25 -8.40 -8.94 0.73
C SER A 25 -7.46 -8.92 1.94
N GLU A 26 -6.30 -8.28 1.78
CA GLU A 26 -5.27 -8.30 2.82
C GLU A 26 -5.19 -6.96 3.56
N GLN A 27 -5.79 -5.93 2.98
CA GLN A 27 -5.83 -4.59 3.58
C GLN A 27 -4.42 -4.03 3.80
N LEU A 28 -3.60 -4.09 2.77
CA LEU A 28 -2.24 -3.55 2.81
C LEU A 28 -1.95 -2.78 1.52
N LEU A 29 -1.00 -1.85 1.60
CA LEU A 29 -0.61 -1.06 0.44
C LEU A 29 0.79 -1.47 -0.02
N VAL A 30 0.88 -2.11 -1.16
CA VAL A 30 2.15 -2.67 -1.62
C VAL A 30 2.66 -1.96 -2.87
N ASN A 31 3.89 -1.50 -2.82
CA ASN A 31 4.54 -0.91 -3.99
C ASN A 31 5.32 -1.99 -4.71
N GLU A 32 4.91 -2.25 -5.95
CA GLU A 32 5.48 -3.34 -6.75
C GLU A 32 6.97 -3.12 -7.01
N ARG A 33 7.39 -1.86 -7.00
CA ARG A 33 8.77 -1.52 -7.31
C ARG A 33 9.65 -1.53 -6.07
N LEU A 34 9.03 -1.64 -4.89
CA LEU A 34 9.78 -1.61 -3.63
C LEU A 34 9.65 -2.92 -2.86
N ASN A 35 8.60 -3.69 -3.16
CA ASN A 35 8.32 -4.96 -2.47
C ASN A 35 8.01 -4.71 -1.00
N LEU A 36 7.55 -3.50 -0.70
CA LEU A 36 7.22 -3.12 0.66
C LEU A 36 5.75 -2.76 0.78
N ALA A 37 5.17 -3.03 1.93
CA ALA A 37 3.77 -2.77 2.17
C ALA A 37 3.60 -1.84 3.36
N TYR A 38 2.72 -0.86 3.21
CA TYR A 38 2.42 0.08 4.28
C TYR A 38 1.14 -0.32 4.99
N ARG A 39 1.07 0.00 6.27
CA ARG A 39 -0.04 -0.44 7.10
C ARG A 39 -1.26 0.47 6.94
N ILE A 40 -2.42 -0.15 6.91
CA ILE A 40 -3.67 0.59 7.02
C ILE A 40 -4.21 0.40 8.43
N ASP A 41 -4.20 1.46 9.21
CA ASP A 41 -4.51 1.36 10.63
C ASP A 41 -5.92 1.87 10.91
N ASP A 42 -6.86 0.94 11.02
CA ASP A 42 -8.26 1.23 11.34
C ASP A 42 -8.85 2.24 10.34
N GLY A 43 -8.38 2.19 9.10
CA GLY A 43 -8.92 3.06 8.07
C GLY A 43 -7.97 4.18 7.69
N ILE A 44 -6.92 4.37 8.47
CA ILE A 44 -5.94 5.42 8.19
C ILE A 44 -4.63 4.79 7.72
N PRO A 45 -4.23 5.08 6.47
CA PRO A 45 -2.99 4.57 5.90
C PRO A 45 -1.75 5.22 6.51
N VAL A 46 -0.89 4.41 7.11
CA VAL A 46 0.33 4.91 7.72
C VAL A 46 1.49 4.82 6.74
N LEU A 47 1.80 5.93 6.10
CA LEU A 47 2.84 5.95 5.08
C LEU A 47 4.18 6.36 5.68
N LEU A 48 4.82 5.43 6.38
CA LEU A 48 6.15 5.65 6.95
C LEU A 48 7.04 4.45 6.64
N ILE A 49 8.32 4.71 6.39
CA ILE A 49 9.24 3.67 5.96
C ILE A 49 9.50 2.65 7.06
N ASP A 50 9.67 3.13 8.28
CA ASP A 50 9.98 2.24 9.42
C ASP A 50 8.73 1.54 9.91
N GLU A 51 7.58 2.06 9.54
CA GLU A 51 6.30 1.48 9.95
C GLU A 51 5.83 0.46 8.92
N ALA A 52 6.55 0.37 7.81
CA ALA A 52 6.19 -0.51 6.72
C ALA A 52 6.62 -1.95 7.00
N THR A 53 6.09 -2.87 6.22
CA THR A 53 6.43 -4.27 6.35
C THR A 53 6.82 -4.83 4.97
N GLU A 54 7.64 -5.86 4.94
CA GLU A 54 8.03 -6.47 3.68
C GLU A 54 6.93 -7.42 3.21
N TRP A 55 6.50 -7.25 1.97
CA TRP A 55 5.39 -8.02 1.45
C TRP A 55 5.64 -8.42 0.00
N THR A 56 5.50 -9.71 -0.28
CA THR A 56 5.73 -10.27 -1.60
C THR A 56 7.18 -10.06 -2.06
N PRO A 57 8.09 -10.95 -1.64
CA PRO A 57 9.47 -10.96 -2.09
C PRO A 57 9.62 -11.72 -3.40
N ASN A 58 10.81 -11.71 -3.97
CA ASN A 58 11.05 -12.42 -5.22
C ASN A 58 11.52 -13.83 -4.97
N ASN A 59 10.95 -14.76 -5.71
CA ASN A 59 11.32 -16.16 -5.65
C ASN A 59 12.44 -16.44 -6.65
N LEU A 60 12.99 -17.66 -6.65
CA LEU A 60 14.07 -18.00 -7.57
C LEU A 60 13.56 -18.18 -9.00
N GLU A 61 12.28 -17.86 -9.19
CA GLU A 61 11.66 -17.90 -10.48
C GLU A 61 11.68 -16.52 -11.11
N MET A 1 -23.15 4.71 -12.79
CA MET A 1 -22.01 4.28 -11.96
C MET A 1 -20.81 5.21 -12.18
N SER A 2 -20.16 5.61 -11.10
CA SER A 2 -19.02 6.51 -11.17
C SER A 2 -17.98 6.17 -10.10
N LEU A 3 -16.71 6.23 -10.46
CA LEU A 3 -15.63 6.00 -9.50
C LEU A 3 -15.18 7.35 -8.94
N ASP A 4 -14.84 7.37 -7.66
CA ASP A 4 -14.46 8.60 -6.98
C ASP A 4 -12.97 8.62 -6.63
N PRO A 5 -12.13 9.12 -7.55
CA PRO A 5 -10.69 9.22 -7.33
C PRO A 5 -10.32 10.35 -6.37
N GLN A 6 -11.32 11.09 -5.92
CA GLN A 6 -11.10 12.19 -4.99
C GLN A 6 -11.05 11.68 -3.56
N LEU A 7 -11.96 10.77 -3.22
CA LEU A 7 -11.97 10.15 -1.90
C LEU A 7 -10.79 9.19 -1.74
N LEU A 8 -10.32 8.65 -2.85
CA LEU A 8 -9.16 7.76 -2.84
C LEU A 8 -7.87 8.57 -2.89
N GLU A 9 -7.78 9.45 -3.89
CA GLU A 9 -6.61 10.30 -4.10
C GLU A 9 -5.36 9.45 -4.34
N VAL A 10 -4.19 10.06 -4.25
CA VAL A 10 -2.94 9.37 -4.57
C VAL A 10 -2.31 8.75 -3.33
N LEU A 11 -2.45 7.44 -3.21
CA LEU A 11 -1.79 6.71 -2.13
C LEU A 11 -0.40 6.28 -2.59
N ALA A 12 0.62 6.89 -2.00
CA ALA A 12 2.00 6.67 -2.45
C ALA A 12 2.95 6.54 -1.26
N CYS A 13 4.17 6.10 -1.54
CA CYS A 13 5.20 5.94 -0.52
C CYS A 13 5.97 7.25 -0.31
N PRO A 14 6.60 7.41 0.87
CA PRO A 14 7.39 8.61 1.18
C PRO A 14 8.81 8.56 0.62
N LYS A 15 9.07 7.63 -0.29
CA LYS A 15 10.39 7.50 -0.89
C LYS A 15 10.34 7.68 -2.41
N ASP A 16 9.75 6.72 -3.10
CA ASP A 16 9.61 6.80 -4.56
C ASP A 16 8.32 7.52 -4.92
N LYS A 17 7.38 7.49 -3.99
CA LYS A 17 6.09 8.15 -4.13
C LYS A 17 5.31 7.57 -5.32
N GLY A 18 5.48 6.26 -5.52
CA GLY A 18 4.74 5.58 -6.57
C GLY A 18 3.40 5.05 -6.07
N PRO A 19 2.50 4.71 -7.01
CA PRO A 19 1.16 4.20 -6.67
C PRO A 19 1.21 2.87 -5.93
N LEU A 20 0.65 2.87 -4.72
CA LEU A 20 0.60 1.68 -3.91
C LEU A 20 -0.48 0.72 -4.40
N ARG A 21 -0.21 -0.56 -4.32
CA ARG A 21 -1.17 -1.58 -4.72
C ARG A 21 -2.11 -1.86 -3.55
N TYR A 22 -3.41 -1.72 -3.80
CA TYR A 22 -4.41 -1.78 -2.74
C TYR A 22 -4.93 -3.21 -2.56
N LEU A 23 -4.78 -3.74 -1.35
CA LEU A 23 -5.36 -5.02 -1.01
C LEU A 23 -6.70 -4.82 -0.32
N GLU A 24 -7.77 -5.17 -1.01
CA GLU A 24 -9.13 -4.97 -0.51
C GLU A 24 -9.36 -5.77 0.77
N SER A 25 -8.68 -6.91 0.87
CA SER A 25 -8.85 -7.85 1.97
C SER A 25 -8.75 -7.18 3.34
N GLU A 26 -7.58 -6.64 3.65
CA GLU A 26 -7.34 -6.05 4.97
C GLU A 26 -6.88 -4.61 4.85
N GLN A 27 -7.17 -3.99 3.72
CA GLN A 27 -6.75 -2.62 3.43
C GLN A 27 -5.23 -2.48 3.61
N LEU A 28 -4.50 -3.05 2.66
CA LEU A 28 -3.05 -3.00 2.71
C LEU A 28 -2.53 -2.32 1.45
N LEU A 29 -1.41 -1.64 1.57
CA LEU A 29 -0.81 -0.94 0.45
C LEU A 29 0.60 -1.44 0.20
N VAL A 30 0.80 -2.15 -0.89
CA VAL A 30 2.10 -2.72 -1.21
C VAL A 30 2.70 -2.03 -2.43
N ASN A 31 3.94 -1.57 -2.28
CA ASN A 31 4.66 -0.98 -3.40
C ASN A 31 5.47 -2.06 -4.10
N GLU A 32 5.14 -2.31 -5.36
CA GLU A 32 5.75 -3.41 -6.10
C GLU A 32 7.13 -3.00 -6.65
N ARG A 33 7.54 -1.78 -6.36
CA ARG A 33 8.90 -1.33 -6.68
C ARG A 33 9.84 -1.63 -5.52
N LEU A 34 9.56 -1.00 -4.38
CA LEU A 34 10.40 -1.12 -3.20
C LEU A 34 10.17 -2.45 -2.49
N ASN A 35 9.15 -3.17 -2.92
CA ASN A 35 8.81 -4.49 -2.36
C ASN A 35 8.43 -4.36 -0.89
N LEU A 36 7.86 -3.20 -0.55
CA LEU A 36 7.49 -2.90 0.83
C LEU A 36 5.99 -2.69 0.94
N ALA A 37 5.44 -3.01 2.10
CA ALA A 37 4.01 -2.88 2.33
C ALA A 37 3.72 -1.98 3.53
N TYR A 38 2.68 -1.18 3.39
CA TYR A 38 2.18 -0.34 4.47
C TYR A 38 0.77 -0.78 4.83
N ARG A 39 0.42 -0.65 6.10
CA ARG A 39 -0.88 -1.08 6.57
C ARG A 39 -1.82 0.11 6.74
N ILE A 40 -3.08 -0.07 6.38
CA ILE A 40 -4.09 0.93 6.65
C ILE A 40 -4.78 0.59 7.96
N ASP A 41 -4.59 1.42 8.96
CA ASP A 41 -5.10 1.15 10.29
C ASP A 41 -6.38 1.93 10.53
N ASP A 42 -7.50 1.23 10.38
CA ASP A 42 -8.83 1.80 10.60
C ASP A 42 -9.00 3.14 9.90
N GLY A 43 -8.93 3.12 8.57
CA GLY A 43 -9.14 4.33 7.79
C GLY A 43 -7.88 5.14 7.57
N ILE A 44 -6.85 4.90 8.37
CA ILE A 44 -5.63 5.68 8.29
C ILE A 44 -4.48 4.85 7.72
N PRO A 45 -4.05 5.17 6.50
CA PRO A 45 -2.89 4.51 5.88
C PRO A 45 -1.59 4.93 6.55
N VAL A 46 -0.99 4.00 7.28
CA VAL A 46 0.23 4.28 8.03
C VAL A 46 1.44 4.29 7.11
N LEU A 47 1.86 5.48 6.72
CA LEU A 47 3.00 5.62 5.81
C LEU A 47 4.26 6.00 6.59
N LEU A 48 4.84 5.02 7.26
CA LEU A 48 6.06 5.23 8.01
C LEU A 48 7.13 4.26 7.53
N ILE A 49 8.36 4.76 7.40
CA ILE A 49 9.48 3.93 6.95
C ILE A 49 9.70 2.76 7.92
N ASP A 50 9.46 3.02 9.19
CA ASP A 50 9.63 2.00 10.23
C ASP A 50 8.55 0.91 10.11
N GLU A 51 7.40 1.29 9.55
CA GLU A 51 6.30 0.34 9.36
C GLU A 51 6.47 -0.42 8.05
N ALA A 52 7.32 0.11 7.18
CA ALA A 52 7.57 -0.51 5.89
C ALA A 52 8.22 -1.87 6.07
N THR A 53 7.46 -2.92 5.78
CA THR A 53 7.95 -4.28 5.88
C THR A 53 7.94 -4.93 4.51
N GLU A 54 8.83 -5.88 4.27
CA GLU A 54 8.88 -6.58 2.99
C GLU A 54 7.71 -7.54 2.88
N TRP A 55 7.05 -7.52 1.73
CA TRP A 55 5.85 -8.32 1.53
C TRP A 55 5.83 -8.91 0.11
N THR A 56 5.39 -10.15 0.00
CA THR A 56 5.29 -10.85 -1.28
C THR A 56 6.67 -11.13 -1.90
N PRO A 57 7.24 -12.31 -1.62
CA PRO A 57 8.45 -12.80 -2.26
C PRO A 57 8.15 -13.43 -3.62
N ASN A 58 9.03 -13.25 -4.58
CA ASN A 58 8.83 -13.78 -5.91
C ASN A 58 9.61 -15.07 -6.11
N ASN A 59 8.97 -16.06 -6.73
CA ASN A 59 9.63 -17.31 -7.05
C ASN A 59 10.11 -17.27 -8.50
N LEU A 60 11.42 -17.20 -8.68
CA LEU A 60 12.02 -17.18 -10.01
C LEU A 60 11.78 -18.51 -10.70
N GLU A 61 11.07 -18.45 -11.82
CA GLU A 61 10.60 -19.63 -12.53
C GLU A 61 11.73 -20.63 -12.81
N MET A 1 -21.62 -0.44 -6.54
CA MET A 1 -20.89 -1.43 -7.38
C MET A 1 -20.22 -2.50 -6.52
N SER A 2 -20.77 -2.72 -5.32
CA SER A 2 -20.21 -3.69 -4.38
C SER A 2 -18.78 -3.30 -4.00
N LEU A 3 -18.50 -2.00 -4.10
CA LEU A 3 -17.17 -1.48 -3.87
C LEU A 3 -17.28 -0.12 -3.18
N ASP A 4 -16.24 0.28 -2.46
CA ASP A 4 -16.28 1.53 -1.71
C ASP A 4 -15.29 2.56 -2.26
N PRO A 5 -15.73 3.38 -3.23
CA PRO A 5 -14.88 4.42 -3.85
C PRO A 5 -14.57 5.57 -2.91
N GLN A 6 -15.06 5.49 -1.67
CA GLN A 6 -14.80 6.52 -0.67
C GLN A 6 -13.48 6.21 0.04
N LEU A 7 -13.32 4.97 0.45
CA LEU A 7 -12.08 4.53 1.09
C LEU A 7 -10.93 4.54 0.10
N LEU A 8 -11.24 4.34 -1.18
CA LEU A 8 -10.23 4.30 -2.22
C LEU A 8 -9.85 5.71 -2.65
N GLU A 9 -8.68 6.15 -2.22
CA GLU A 9 -8.13 7.45 -2.61
C GLU A 9 -6.80 7.26 -3.32
N VAL A 10 -6.22 8.35 -3.78
CA VAL A 10 -4.91 8.32 -4.42
C VAL A 10 -3.83 8.08 -3.38
N LEU A 11 -3.38 6.84 -3.27
CA LEU A 11 -2.39 6.46 -2.28
C LEU A 11 -1.06 6.12 -2.95
N ALA A 12 -0.01 6.82 -2.54
CA ALA A 12 1.31 6.64 -3.13
C ALA A 12 2.37 6.51 -2.05
N CYS A 13 3.47 5.85 -2.40
CA CYS A 13 4.59 5.66 -1.49
C CYS A 13 5.18 7.02 -1.07
N PRO A 14 5.41 7.21 0.24
CA PRO A 14 5.95 8.47 0.76
C PRO A 14 7.34 8.81 0.20
N LYS A 15 8.12 7.78 -0.11
CA LYS A 15 9.46 7.96 -0.61
C LYS A 15 9.47 8.01 -2.14
N ASP A 16 8.89 6.98 -2.75
CA ASP A 16 8.99 6.80 -4.20
C ASP A 16 7.91 7.59 -4.95
N LYS A 17 6.82 7.90 -4.25
CA LYS A 17 5.66 8.57 -4.85
C LYS A 17 4.98 7.70 -5.90
N GLY A 18 5.32 6.42 -5.91
CA GLY A 18 4.70 5.50 -6.83
C GLY A 18 3.36 5.01 -6.33
N PRO A 19 2.42 4.73 -7.23
CA PRO A 19 1.08 4.25 -6.86
C PRO A 19 1.13 2.92 -6.12
N LEU A 20 0.52 2.87 -4.96
CA LEU A 20 0.49 1.67 -4.14
C LEU A 20 -0.65 0.76 -4.59
N ARG A 21 -0.40 -0.54 -4.62
CA ARG A 21 -1.44 -1.49 -4.97
C ARG A 21 -2.25 -1.83 -3.72
N TYR A 22 -3.56 -1.63 -3.80
CA TYR A 22 -4.43 -1.77 -2.65
C TYR A 22 -4.87 -3.22 -2.48
N LEU A 23 -4.38 -3.86 -1.43
CA LEU A 23 -4.83 -5.20 -1.06
C LEU A 23 -6.02 -5.08 -0.13
N GLU A 24 -7.21 -5.25 -0.68
CA GLU A 24 -8.45 -5.02 0.05
C GLU A 24 -8.61 -6.02 1.20
N SER A 25 -8.29 -7.27 0.91
CA SER A 25 -8.48 -8.36 1.86
C SER A 25 -7.67 -8.15 3.15
N GLU A 26 -6.51 -7.53 3.04
CA GLU A 26 -5.62 -7.39 4.18
C GLU A 26 -5.45 -5.95 4.62
N GLN A 27 -6.09 -5.02 3.90
CA GLN A 27 -5.97 -3.60 4.18
C GLN A 27 -4.51 -3.14 4.03
N LEU A 28 -3.84 -3.64 3.00
CA LEU A 28 -2.42 -3.36 2.83
C LEU A 28 -2.15 -2.62 1.52
N LEU A 29 -1.18 -1.73 1.57
CA LEU A 29 -0.72 -1.01 0.39
C LEU A 29 0.67 -1.48 0.02
N VAL A 30 0.80 -2.18 -1.09
CA VAL A 30 2.09 -2.74 -1.47
C VAL A 30 2.66 -2.02 -2.69
N ASN A 31 3.88 -1.53 -2.56
CA ASN A 31 4.57 -0.92 -3.67
C ASN A 31 5.51 -1.92 -4.32
N GLU A 32 5.24 -2.27 -5.57
CA GLU A 32 5.98 -3.30 -6.27
C GLU A 32 7.39 -2.83 -6.63
N ARG A 33 7.60 -1.53 -6.55
CA ARG A 33 8.91 -0.96 -6.86
C ARG A 33 9.90 -1.19 -5.73
N LEU A 34 9.40 -1.31 -4.51
CA LEU A 34 10.27 -1.44 -3.33
C LEU A 34 10.00 -2.74 -2.58
N ASN A 35 8.96 -3.47 -2.98
CA ASN A 35 8.58 -4.73 -2.34
C ASN A 35 8.22 -4.49 -0.87
N LEU A 36 7.66 -3.32 -0.59
CA LEU A 36 7.32 -2.94 0.77
C LEU A 36 5.81 -2.72 0.89
N ALA A 37 5.27 -3.02 2.07
CA ALA A 37 3.84 -2.92 2.29
C ALA A 37 3.54 -1.99 3.46
N TYR A 38 2.55 -1.14 3.26
CA TYR A 38 2.08 -0.24 4.31
C TYR A 38 0.70 -0.69 4.77
N ARG A 39 0.45 -0.63 6.06
CA ARG A 39 -0.82 -1.09 6.61
C ARG A 39 -1.78 0.07 6.80
N ILE A 40 -3.06 -0.19 6.56
CA ILE A 40 -4.09 0.81 6.78
C ILE A 40 -4.94 0.42 7.99
N ASP A 41 -5.09 1.34 8.93
CA ASP A 41 -5.93 1.08 10.09
C ASP A 41 -7.07 2.10 10.15
N ASP A 42 -8.20 1.71 9.57
CA ASP A 42 -9.43 2.53 9.55
C ASP A 42 -9.16 3.98 9.21
N GLY A 43 -8.87 4.23 7.95
CA GLY A 43 -8.71 5.59 7.48
C GLY A 43 -7.31 6.14 7.68
N ILE A 44 -6.50 5.44 8.47
CA ILE A 44 -5.14 5.86 8.72
C ILE A 44 -4.15 4.95 7.99
N PRO A 45 -3.58 5.44 6.89
CA PRO A 45 -2.55 4.72 6.14
C PRO A 45 -1.19 4.90 6.79
N VAL A 46 -0.63 3.81 7.32
CA VAL A 46 0.67 3.85 7.95
C VAL A 46 1.76 3.91 6.88
N LEU A 47 2.09 5.12 6.45
CA LEU A 47 3.09 5.33 5.42
C LEU A 47 4.44 5.62 6.05
N LEU A 48 4.73 4.90 7.12
CA LEU A 48 6.01 5.01 7.80
C LEU A 48 7.04 4.14 7.11
N ILE A 49 8.19 4.72 6.81
CA ILE A 49 9.21 4.03 6.02
C ILE A 49 9.97 3.02 6.87
N ASP A 50 10.18 3.36 8.13
CA ASP A 50 10.91 2.48 9.05
C ASP A 50 10.00 1.37 9.58
N GLU A 51 8.71 1.67 9.63
CA GLU A 51 7.73 0.71 10.14
C GLU A 51 7.25 -0.22 9.03
N ALA A 52 7.46 0.20 7.78
CA ALA A 52 7.07 -0.60 6.63
C ALA A 52 7.77 -1.96 6.63
N THR A 53 7.06 -2.97 6.15
CA THR A 53 7.60 -4.32 6.11
C THR A 53 7.57 -4.85 4.69
N GLU A 54 8.58 -5.61 4.31
CA GLU A 54 8.61 -6.22 2.98
C GLU A 54 7.62 -7.38 2.92
N TRP A 55 6.72 -7.32 1.96
CA TRP A 55 5.67 -8.32 1.84
C TRP A 55 5.87 -9.15 0.59
N THR A 56 5.97 -10.46 0.79
CA THR A 56 6.20 -11.40 -0.29
C THR A 56 7.48 -11.06 -1.06
N PRO A 57 8.63 -11.60 -0.60
CA PRO A 57 9.91 -11.36 -1.25
C PRO A 57 9.97 -11.97 -2.64
N ASN A 58 9.56 -11.21 -3.64
CA ASN A 58 9.58 -11.66 -5.02
C ASN A 58 11.02 -11.75 -5.52
N ASN A 59 11.80 -10.80 -5.08
CA ASN A 59 13.20 -10.70 -5.46
C ASN A 59 14.09 -10.94 -4.25
N LEU A 60 15.24 -11.55 -4.49
CA LEU A 60 16.23 -11.74 -3.43
C LEU A 60 17.32 -10.68 -3.56
N GLU A 61 18.19 -10.62 -2.57
CA GLU A 61 19.28 -9.63 -2.54
C GLU A 61 18.74 -8.21 -2.49
N MET A 1 -21.85 2.47 -7.14
CA MET A 1 -22.02 1.87 -5.79
C MET A 1 -21.10 0.67 -5.61
N SER A 2 -20.02 0.61 -6.37
CA SER A 2 -19.08 -0.50 -6.29
C SER A 2 -17.98 -0.18 -5.29
N LEU A 3 -17.80 -1.07 -4.31
CA LEU A 3 -16.79 -0.89 -3.26
C LEU A 3 -17.08 0.38 -2.47
N ASP A 4 -16.11 0.80 -1.68
CA ASP A 4 -16.19 2.09 -0.98
C ASP A 4 -15.10 3.02 -1.47
N PRO A 5 -15.39 3.78 -2.55
CA PRO A 5 -14.42 4.68 -3.17
C PRO A 5 -13.95 5.79 -2.23
N GLN A 6 -14.63 5.91 -1.09
CA GLN A 6 -14.30 6.93 -0.10
C GLN A 6 -13.01 6.56 0.64
N LEU A 7 -12.72 5.26 0.71
CA LEU A 7 -11.48 4.78 1.33
C LEU A 7 -10.31 4.91 0.34
N LEU A 8 -10.62 5.23 -0.90
CA LEU A 8 -9.60 5.29 -1.94
C LEU A 8 -9.08 6.71 -2.13
N GLU A 9 -7.84 6.92 -1.72
CA GLU A 9 -7.17 8.21 -1.88
C GLU A 9 -5.98 8.06 -2.81
N VAL A 10 -5.20 9.13 -2.98
CA VAL A 10 -4.00 9.07 -3.79
C VAL A 10 -2.91 8.31 -3.03
N LEU A 11 -2.64 7.09 -3.47
CA LEU A 11 -1.73 6.21 -2.74
C LEU A 11 -0.38 6.09 -3.43
N ALA A 12 0.62 6.75 -2.87
CA ALA A 12 1.97 6.68 -3.39
C ALA A 12 2.99 6.64 -2.24
N CYS A 13 4.12 6.00 -2.48
CA CYS A 13 5.14 5.86 -1.45
C CYS A 13 5.81 7.20 -1.15
N PRO A 14 6.17 7.43 0.12
CA PRO A 14 6.80 8.69 0.54
C PRO A 14 8.29 8.79 0.15
N LYS A 15 8.82 7.74 -0.48
CA LYS A 15 10.22 7.74 -0.88
C LYS A 15 10.36 7.96 -2.39
N ASP A 16 10.01 6.94 -3.17
CA ASP A 16 10.16 6.98 -4.62
C ASP A 16 8.90 7.52 -5.28
N LYS A 17 7.87 7.69 -4.46
CA LYS A 17 6.57 8.20 -4.90
C LYS A 17 5.87 7.19 -5.82
N GLY A 18 6.31 5.93 -5.71
CA GLY A 18 5.73 4.88 -6.52
C GLY A 18 4.32 4.53 -6.11
N PRO A 19 3.44 4.21 -7.07
CA PRO A 19 2.04 3.88 -6.82
C PRO A 19 1.89 2.61 -5.98
N LEU A 20 1.01 2.69 -4.98
CA LEU A 20 0.76 1.57 -4.10
C LEU A 20 -0.40 0.73 -4.60
N ARG A 21 -0.25 -0.59 -4.57
CA ARG A 21 -1.33 -1.49 -4.93
C ARG A 21 -2.23 -1.71 -3.72
N TYR A 22 -3.53 -1.57 -3.91
CA TYR A 22 -4.47 -1.68 -2.82
C TYR A 22 -4.88 -3.13 -2.63
N LEU A 23 -4.49 -3.71 -1.50
CA LEU A 23 -4.87 -5.07 -1.17
C LEU A 23 -6.04 -5.07 -0.20
N GLU A 24 -7.21 -5.47 -0.69
CA GLU A 24 -8.44 -5.44 0.11
C GLU A 24 -8.42 -6.52 1.18
N SER A 25 -7.50 -7.47 1.04
CA SER A 25 -7.39 -8.61 1.93
C SER A 25 -7.39 -8.19 3.40
N GLU A 26 -6.45 -7.33 3.76
CA GLU A 26 -6.35 -6.84 5.13
C GLU A 26 -6.09 -5.34 5.16
N GLN A 27 -6.50 -4.67 4.08
CA GLN A 27 -6.28 -3.23 3.92
C GLN A 27 -4.78 -2.92 3.95
N LEU A 28 -4.09 -3.28 2.88
CA LEU A 28 -2.65 -3.10 2.82
C LEU A 28 -2.26 -2.40 1.52
N LEU A 29 -1.19 -1.63 1.57
CA LEU A 29 -0.70 -0.93 0.39
C LEU A 29 0.69 -1.44 0.03
N VAL A 30 0.78 -2.17 -1.07
CA VAL A 30 2.04 -2.78 -1.46
C VAL A 30 2.60 -2.16 -2.73
N ASN A 31 3.80 -1.61 -2.65
CA ASN A 31 4.50 -1.15 -3.84
C ASN A 31 5.40 -2.25 -4.34
N GLU A 32 5.10 -2.74 -5.52
CA GLU A 32 5.74 -3.93 -6.04
C GLU A 32 7.14 -3.63 -6.54
N ARG A 33 7.41 -2.35 -6.78
CA ARG A 33 8.73 -1.94 -7.25
C ARG A 33 9.75 -2.01 -6.12
N LEU A 34 9.26 -1.89 -4.88
CA LEU A 34 10.13 -1.94 -3.71
C LEU A 34 9.93 -3.25 -2.93
N ASN A 35 8.82 -3.92 -3.20
CA ASN A 35 8.45 -5.17 -2.52
C ASN A 35 8.14 -4.89 -1.05
N LEU A 36 7.70 -3.67 -0.77
CA LEU A 36 7.40 -3.26 0.59
C LEU A 36 5.92 -2.87 0.70
N ALA A 37 5.37 -3.09 1.88
CA ALA A 37 3.96 -2.81 2.12
C ALA A 37 3.77 -1.83 3.27
N TYR A 38 2.81 -0.94 3.10
CA TYR A 38 2.44 0.01 4.13
C TYR A 38 1.13 -0.42 4.77
N ARG A 39 0.92 0.01 6.00
CA ARG A 39 -0.19 -0.49 6.79
C ARG A 39 -1.36 0.49 6.81
N ILE A 40 -2.56 -0.05 6.73
CA ILE A 40 -3.77 0.74 6.88
C ILE A 40 -4.54 0.25 8.09
N ASP A 41 -4.62 1.09 9.11
CA ASP A 41 -5.30 0.72 10.34
C ASP A 41 -6.58 1.50 10.50
N ASP A 42 -7.69 0.89 10.08
CA ASP A 42 -9.03 1.46 10.23
C ASP A 42 -9.10 2.91 9.73
N GLY A 43 -9.08 3.06 8.42
CA GLY A 43 -9.20 4.38 7.82
C GLY A 43 -7.93 5.21 7.91
N ILE A 44 -6.93 4.70 8.61
CA ILE A 44 -5.67 5.42 8.76
C ILE A 44 -4.56 4.74 7.95
N PRO A 45 -4.22 5.29 6.79
CA PRO A 45 -3.11 4.81 5.97
C PRO A 45 -1.78 5.31 6.51
N VAL A 46 -1.01 4.40 7.10
CA VAL A 46 0.26 4.76 7.70
C VAL A 46 1.37 4.75 6.66
N LEU A 47 1.61 5.90 6.05
CA LEU A 47 2.64 6.02 5.04
C LEU A 47 3.91 6.57 5.66
N LEU A 48 4.64 5.71 6.34
CA LEU A 48 5.89 6.10 6.98
C LEU A 48 7.03 5.26 6.43
N ILE A 49 8.20 5.89 6.26
CA ILE A 49 9.35 5.22 5.66
C ILE A 49 9.77 3.99 6.47
N ASP A 50 9.92 4.16 7.77
CA ASP A 50 10.38 3.09 8.64
C ASP A 50 9.35 1.97 8.76
N GLU A 51 8.07 2.33 8.71
CA GLU A 51 6.99 1.39 9.00
C GLU A 51 6.71 0.45 7.82
N ALA A 52 7.47 0.62 6.75
CA ALA A 52 7.33 -0.23 5.58
C ALA A 52 7.79 -1.64 5.89
N THR A 53 6.88 -2.60 5.77
CA THR A 53 7.19 -3.98 6.06
C THR A 53 7.40 -4.76 4.78
N GLU A 54 8.05 -5.90 4.89
CA GLU A 54 8.31 -6.74 3.74
C GLU A 54 7.13 -7.68 3.52
N TRP A 55 6.56 -7.62 2.33
CA TRP A 55 5.39 -8.42 2.02
C TRP A 55 5.54 -9.04 0.64
N THR A 56 5.31 -10.34 0.54
CA THR A 56 5.42 -11.02 -0.73
C THR A 56 4.34 -12.09 -0.85
N PRO A 57 3.69 -12.16 -2.02
CA PRO A 57 2.72 -13.21 -2.32
C PRO A 57 3.39 -14.56 -2.51
N ASN A 58 2.58 -15.62 -2.61
CA ASN A 58 3.09 -16.98 -2.78
C ASN A 58 3.88 -17.42 -1.54
N ASN A 59 3.23 -18.14 -0.64
CA ASN A 59 3.88 -18.58 0.58
C ASN A 59 4.64 -19.87 0.35
N LEU A 60 5.93 -19.74 0.07
CA LEU A 60 6.78 -20.90 -0.11
C LEU A 60 7.20 -21.46 1.24
N GLU A 61 7.66 -22.70 1.24
CA GLU A 61 8.01 -23.38 2.47
C GLU A 61 9.29 -22.83 3.07
N MET A 1 -18.51 -0.45 -12.80
CA MET A 1 -18.73 0.99 -12.97
C MET A 1 -18.88 1.67 -11.61
N SER A 2 -18.52 2.96 -11.56
CA SER A 2 -18.72 3.80 -10.38
C SER A 2 -17.72 3.49 -9.25
N LEU A 3 -17.23 4.56 -8.62
CA LEU A 3 -16.29 4.44 -7.51
C LEU A 3 -16.19 5.79 -6.79
N ASP A 4 -15.53 5.81 -5.63
CA ASP A 4 -15.35 7.03 -4.87
C ASP A 4 -13.86 7.28 -4.60
N PRO A 5 -13.17 7.95 -5.53
CA PRO A 5 -11.72 8.20 -5.42
C PRO A 5 -11.36 9.19 -4.32
N GLN A 6 -12.38 9.79 -3.70
CA GLN A 6 -12.17 10.80 -2.66
C GLN A 6 -11.47 10.18 -1.45
N LEU A 7 -11.89 8.98 -1.08
CA LEU A 7 -11.33 8.30 0.09
C LEU A 7 -9.95 7.74 -0.20
N LEU A 8 -9.61 7.62 -1.47
CA LEU A 8 -8.39 6.94 -1.88
C LEU A 8 -7.20 7.89 -1.93
N GLU A 9 -7.39 9.06 -2.55
CA GLU A 9 -6.30 10.01 -2.75
C GLU A 9 -5.21 9.40 -3.63
N VAL A 10 -4.03 10.02 -3.64
CA VAL A 10 -2.91 9.50 -4.39
C VAL A 10 -1.97 8.73 -3.46
N LEU A 11 -1.99 7.41 -3.58
CA LEU A 11 -1.18 6.56 -2.73
C LEU A 11 0.19 6.32 -3.35
N ALA A 12 1.20 6.99 -2.82
CA ALA A 12 2.55 6.87 -3.32
C ALA A 12 3.53 6.62 -2.17
N CYS A 13 4.60 5.91 -2.48
CA CYS A 13 5.62 5.57 -1.50
C CYS A 13 6.34 6.83 -1.04
N PRO A 14 6.55 6.98 0.28
CA PRO A 14 7.22 8.15 0.87
C PRO A 14 8.69 8.29 0.50
N LYS A 15 9.14 7.49 -0.48
CA LYS A 15 10.50 7.62 -0.98
C LYS A 15 10.52 8.51 -2.22
N ASP A 16 10.15 7.95 -3.36
CA ASP A 16 10.21 8.69 -4.61
C ASP A 16 9.02 8.37 -5.50
N LYS A 17 7.81 8.57 -4.96
CA LYS A 17 6.58 8.57 -5.75
C LYS A 17 6.26 7.20 -6.34
N GLY A 18 6.76 6.15 -5.71
CA GLY A 18 6.44 4.80 -6.16
C GLY A 18 4.98 4.46 -5.89
N PRO A 19 4.21 4.16 -6.93
CA PRO A 19 2.76 3.88 -6.80
C PRO A 19 2.47 2.70 -5.88
N LEU A 20 1.63 2.95 -4.87
CA LEU A 20 1.23 1.90 -3.95
C LEU A 20 -0.05 1.25 -4.42
N ARG A 21 -0.12 -0.07 -4.32
CA ARG A 21 -1.30 -0.80 -4.75
C ARG A 21 -2.07 -1.29 -3.54
N TYR A 22 -3.36 -1.00 -3.50
CA TYR A 22 -4.21 -1.40 -2.39
C TYR A 22 -4.75 -2.80 -2.61
N LEU A 23 -4.43 -3.70 -1.69
CA LEU A 23 -4.97 -5.04 -1.73
C LEU A 23 -6.25 -5.10 -0.91
N GLU A 24 -7.36 -5.35 -1.59
CA GLU A 24 -8.68 -5.35 -0.97
C GLU A 24 -8.84 -6.54 -0.02
N SER A 25 -7.89 -7.46 -0.08
CA SER A 25 -7.94 -8.67 0.72
C SER A 25 -7.58 -8.40 2.19
N GLU A 26 -6.41 -7.82 2.42
CA GLU A 26 -5.92 -7.63 3.78
C GLU A 26 -5.87 -6.15 4.15
N GLN A 27 -6.41 -5.31 3.27
CA GLN A 27 -6.43 -3.86 3.48
C GLN A 27 -5.01 -3.32 3.66
N LEU A 28 -4.11 -3.76 2.81
CA LEU A 28 -2.72 -3.34 2.88
C LEU A 28 -2.31 -2.62 1.60
N LEU A 29 -1.30 -1.77 1.71
CA LEU A 29 -0.78 -1.04 0.57
C LEU A 29 0.59 -1.57 0.21
N VAL A 30 0.70 -2.25 -0.91
CA VAL A 30 1.95 -2.89 -1.29
C VAL A 30 2.56 -2.18 -2.49
N ASN A 31 3.80 -1.76 -2.35
CA ASN A 31 4.55 -1.16 -3.44
C ASN A 31 5.01 -2.27 -4.37
N GLU A 32 4.51 -2.26 -5.60
CA GLU A 32 4.73 -3.34 -6.54
C GLU A 32 6.12 -3.24 -7.18
N ARG A 33 6.88 -2.21 -6.80
CA ARG A 33 8.24 -2.05 -7.27
C ARG A 33 9.23 -2.45 -6.18
N LEU A 34 9.15 -1.79 -5.04
CA LEU A 34 10.11 -1.97 -3.95
C LEU A 34 9.75 -3.18 -3.09
N ASN A 35 8.60 -3.77 -3.35
CA ASN A 35 8.12 -4.94 -2.63
C ASN A 35 7.99 -4.67 -1.13
N LEU A 36 7.43 -3.52 -0.80
CA LEU A 36 7.21 -3.13 0.59
C LEU A 36 5.73 -2.96 0.84
N ALA A 37 5.30 -3.28 2.05
CA ALA A 37 3.88 -3.21 2.38
C ALA A 37 3.64 -2.26 3.54
N TYR A 38 2.70 -1.35 3.33
CA TYR A 38 2.29 -0.40 4.36
C TYR A 38 0.94 -0.83 4.91
N ARG A 39 0.68 -0.49 6.17
CA ARG A 39 -0.54 -0.92 6.85
C ARG A 39 -1.59 0.17 6.84
N ILE A 40 -2.82 -0.19 7.15
CA ILE A 40 -3.90 0.77 7.29
C ILE A 40 -4.50 0.67 8.68
N ASP A 41 -4.56 1.80 9.38
CA ASP A 41 -5.07 1.84 10.73
C ASP A 41 -6.41 2.54 10.78
N ASP A 42 -7.46 1.75 10.91
CA ASP A 42 -8.83 2.26 11.05
C ASP A 42 -9.17 3.26 9.96
N GLY A 43 -9.06 2.83 8.71
CA GLY A 43 -9.44 3.68 7.59
C GLY A 43 -8.34 4.66 7.19
N ILE A 44 -7.31 4.78 8.00
CA ILE A 44 -6.22 5.70 7.70
C ILE A 44 -4.96 4.93 7.34
N PRO A 45 -4.49 5.07 6.10
CA PRO A 45 -3.26 4.42 5.64
C PRO A 45 -2.03 4.92 6.41
N VAL A 46 -1.27 3.97 6.95
CA VAL A 46 -0.06 4.30 7.70
C VAL A 46 1.13 4.34 6.75
N LEU A 47 1.51 5.55 6.37
CA LEU A 47 2.59 5.74 5.41
C LEU A 47 3.90 6.03 6.14
N LEU A 48 4.11 5.33 7.24
CA LEU A 48 5.34 5.47 8.00
C LEU A 48 6.41 4.57 7.40
N ILE A 49 7.53 5.18 7.03
CA ILE A 49 8.61 4.50 6.33
C ILE A 49 9.11 3.26 7.07
N ASP A 50 9.30 3.38 8.38
CA ASP A 50 9.90 2.29 9.15
C ASP A 50 8.89 1.17 9.43
N GLU A 51 7.61 1.51 9.42
CA GLU A 51 6.55 0.53 9.67
C GLU A 51 6.39 -0.41 8.48
N ALA A 52 6.83 0.04 7.32
CA ALA A 52 6.74 -0.77 6.11
C ALA A 52 7.68 -1.97 6.19
N THR A 53 7.15 -3.14 5.86
CA THR A 53 7.94 -4.36 5.89
C THR A 53 8.02 -4.96 4.50
N GLU A 54 9.07 -5.74 4.23
CA GLU A 54 9.19 -6.46 2.96
C GLU A 54 8.09 -7.51 2.88
N TRP A 55 7.42 -7.59 1.75
CA TRP A 55 6.27 -8.47 1.63
C TRP A 55 6.61 -9.73 0.85
N THR A 56 6.30 -10.88 1.44
CA THR A 56 6.51 -12.18 0.80
C THR A 56 7.99 -12.48 0.57
N PRO A 57 8.62 -13.22 1.50
CA PRO A 57 9.99 -13.71 1.32
C PRO A 57 10.04 -14.83 0.28
N ASN A 58 10.95 -14.72 -0.66
CA ASN A 58 11.01 -15.65 -1.78
C ASN A 58 12.36 -16.36 -1.82
N ASN A 59 12.33 -17.68 -1.69
CA ASN A 59 13.54 -18.48 -1.73
C ASN A 59 14.15 -18.48 -3.13
N LEU A 60 15.29 -17.83 -3.26
CA LEU A 60 15.93 -17.68 -4.57
C LEU A 60 17.03 -18.73 -4.75
N GLU A 61 17.13 -19.26 -5.96
CA GLU A 61 18.20 -20.17 -6.32
C GLU A 61 18.95 -19.65 -7.54
N MET A 1 -17.52 -0.99 -4.44
CA MET A 1 -18.54 -0.89 -5.50
C MET A 1 -18.32 0.37 -6.33
N SER A 2 -18.61 0.27 -7.62
CA SER A 2 -18.48 1.40 -8.55
C SER A 2 -17.01 1.85 -8.66
N LEU A 3 -16.77 2.87 -9.47
CA LEU A 3 -15.43 3.41 -9.63
C LEU A 3 -15.42 4.90 -9.29
N ASP A 4 -14.93 5.21 -8.10
CA ASP A 4 -14.86 6.59 -7.64
C ASP A 4 -13.44 6.91 -7.17
N PRO A 5 -12.59 7.37 -8.11
CA PRO A 5 -11.17 7.65 -7.84
C PRO A 5 -10.96 8.78 -6.82
N GLN A 6 -12.03 9.44 -6.42
CA GLN A 6 -11.94 10.53 -5.45
C GLN A 6 -11.57 10.00 -4.07
N LEU A 7 -12.28 8.94 -3.65
CA LEU A 7 -12.03 8.31 -2.36
C LEU A 7 -10.72 7.53 -2.37
N LEU A 8 -10.28 7.17 -3.56
CA LEU A 8 -9.05 6.40 -3.73
C LEU A 8 -7.84 7.32 -3.67
N GLU A 9 -7.99 8.51 -4.25
CA GLU A 9 -6.92 9.52 -4.28
C GLU A 9 -5.67 8.97 -4.97
N VAL A 10 -4.56 9.69 -4.79
CA VAL A 10 -3.28 9.25 -5.32
C VAL A 10 -2.39 8.79 -4.18
N LEU A 11 -2.23 7.48 -4.06
CA LEU A 11 -1.41 6.91 -3.00
C LEU A 11 -0.08 6.42 -3.56
N ALA A 12 1.01 6.98 -3.06
CA ALA A 12 2.33 6.65 -3.55
C ALA A 12 3.32 6.45 -2.40
N CYS A 13 4.32 5.63 -2.65
CA CYS A 13 5.35 5.34 -1.65
C CYS A 13 6.30 6.51 -1.48
N PRO A 14 6.74 6.79 -0.24
CA PRO A 14 7.66 7.89 0.06
C PRO A 14 9.09 7.65 -0.42
N LYS A 15 9.37 6.44 -0.90
CA LYS A 15 10.71 6.10 -1.37
C LYS A 15 10.91 6.54 -2.81
N ASP A 16 10.47 5.70 -3.75
CA ASP A 16 10.69 5.95 -5.17
C ASP A 16 9.50 6.70 -5.78
N LYS A 17 8.46 6.89 -4.97
CA LYS A 17 7.25 7.59 -5.37
C LYS A 17 6.57 6.90 -6.55
N GLY A 18 5.96 5.77 -6.26
CA GLY A 18 5.21 5.04 -7.25
C GLY A 18 3.84 4.66 -6.74
N PRO A 19 2.88 4.39 -7.65
CA PRO A 19 1.52 4.03 -7.27
C PRO A 19 1.46 2.76 -6.44
N LEU A 20 0.80 2.84 -5.29
CA LEU A 20 0.69 1.71 -4.40
C LEU A 20 -0.43 0.76 -4.85
N ARG A 21 -0.21 -0.52 -4.64
CA ARG A 21 -1.22 -1.53 -4.94
C ARG A 21 -2.09 -1.75 -3.72
N TYR A 22 -3.38 -1.46 -3.86
CA TYR A 22 -4.30 -1.52 -2.75
C TYR A 22 -4.94 -2.89 -2.62
N LEU A 23 -4.62 -3.57 -1.54
CA LEU A 23 -5.24 -4.84 -1.21
C LEU A 23 -6.56 -4.58 -0.49
N GLU A 24 -7.65 -4.72 -1.22
CA GLU A 24 -8.98 -4.37 -0.70
C GLU A 24 -9.43 -5.38 0.34
N SER A 25 -8.91 -6.60 0.22
CA SER A 25 -9.28 -7.69 1.11
C SER A 25 -8.91 -7.41 2.56
N GLU A 26 -7.68 -6.98 2.80
CA GLU A 26 -7.17 -6.87 4.17
C GLU A 26 -6.60 -5.49 4.47
N GLN A 27 -6.97 -4.51 3.65
CA GLN A 27 -6.53 -3.11 3.84
C GLN A 27 -5.01 -2.99 3.92
N LEU A 28 -4.36 -3.16 2.78
CA LEU A 28 -2.90 -3.07 2.71
C LEU A 28 -2.48 -2.31 1.46
N LEU A 29 -1.45 -1.49 1.59
CA LEU A 29 -0.87 -0.79 0.44
C LEU A 29 0.51 -1.35 0.16
N VAL A 30 0.64 -2.07 -0.94
CA VAL A 30 1.89 -2.74 -1.25
C VAL A 30 2.50 -2.18 -2.52
N ASN A 31 3.80 -1.91 -2.51
CA ASN A 31 4.48 -1.46 -3.71
C ASN A 31 5.46 -2.53 -4.17
N GLU A 32 5.19 -3.08 -5.35
CA GLU A 32 6.02 -4.15 -5.91
C GLU A 32 7.35 -3.60 -6.39
N ARG A 33 7.42 -2.28 -6.54
CA ARG A 33 8.64 -1.62 -6.99
C ARG A 33 9.70 -1.66 -5.88
N LEU A 34 9.25 -1.86 -4.64
CA LEU A 34 10.14 -1.89 -3.48
C LEU A 34 10.03 -3.23 -2.74
N ASN A 35 8.94 -3.96 -3.00
CA ASN A 35 8.62 -5.19 -2.27
C ASN A 35 8.31 -4.86 -0.81
N LEU A 36 7.80 -3.65 -0.60
CA LEU A 36 7.46 -3.20 0.74
C LEU A 36 5.98 -2.87 0.81
N ALA A 37 5.39 -3.11 1.98
CA ALA A 37 3.98 -2.86 2.19
C ALA A 37 3.77 -1.89 3.33
N TYR A 38 2.81 -1.00 3.16
CA TYR A 38 2.45 -0.04 4.17
C TYR A 38 1.09 -0.41 4.75
N ARG A 39 0.92 -0.17 6.04
CA ARG A 39 -0.26 -0.65 6.74
C ARG A 39 -1.38 0.37 6.72
N ILE A 40 -2.61 -0.12 6.54
CA ILE A 40 -3.77 0.70 6.76
C ILE A 40 -4.36 0.29 8.10
N ASP A 41 -4.29 1.17 9.08
CA ASP A 41 -4.63 0.81 10.44
C ASP A 41 -5.82 1.61 10.92
N ASP A 42 -6.97 0.95 10.97
CA ASP A 42 -8.23 1.54 11.43
C ASP A 42 -8.57 2.79 10.61
N GLY A 43 -8.88 2.59 9.34
CA GLY A 43 -9.34 3.67 8.49
C GLY A 43 -8.25 4.63 8.04
N ILE A 44 -7.06 4.50 8.62
CA ILE A 44 -5.98 5.42 8.29
C ILE A 44 -4.77 4.68 7.74
N PRO A 45 -4.43 4.92 6.47
CA PRO A 45 -3.23 4.36 5.85
C PRO A 45 -1.97 5.06 6.38
N VAL A 46 -1.09 4.30 7.00
CA VAL A 46 0.09 4.86 7.62
C VAL A 46 1.28 4.81 6.65
N LEU A 47 1.49 5.91 5.95
CA LEU A 47 2.58 6.01 4.99
C LEU A 47 3.82 6.55 5.67
N LEU A 48 4.61 5.64 6.24
CA LEU A 48 5.86 6.01 6.89
C LEU A 48 6.97 5.06 6.44
N ILE A 49 8.20 5.47 6.67
CA ILE A 49 9.35 4.65 6.29
C ILE A 49 9.55 3.52 7.28
N ASP A 50 9.34 3.82 8.56
CA ASP A 50 9.53 2.85 9.63
C ASP A 50 8.39 1.83 9.66
N GLU A 51 7.28 2.18 9.03
CA GLU A 51 6.12 1.29 8.98
C GLU A 51 6.21 0.36 7.79
N ALA A 52 7.20 0.58 6.94
CA ALA A 52 7.39 -0.23 5.75
C ALA A 52 7.77 -1.66 6.14
N THR A 53 6.91 -2.60 5.79
CA THR A 53 7.16 -4.00 6.07
C THR A 53 7.53 -4.73 4.78
N GLU A 54 8.35 -5.76 4.90
CA GLU A 54 8.74 -6.56 3.74
C GLU A 54 7.57 -7.46 3.35
N TRP A 55 7.15 -7.36 2.10
CA TRP A 55 5.97 -8.09 1.64
C TRP A 55 6.23 -8.74 0.29
N THR A 56 6.04 -10.05 0.23
CA THR A 56 6.23 -10.83 -0.99
C THR A 56 7.68 -10.75 -1.48
N PRO A 57 8.53 -11.66 -0.99
CA PRO A 57 9.89 -11.80 -1.47
C PRO A 57 9.97 -12.72 -2.67
N ASN A 58 11.08 -12.65 -3.40
CA ASN A 58 11.30 -13.52 -4.55
C ASN A 58 11.40 -14.97 -4.08
N ASN A 59 10.85 -15.88 -4.87
CA ASN A 59 10.82 -17.31 -4.49
C ASN A 59 12.16 -17.97 -4.80
N LEU A 60 13.24 -17.31 -4.37
CA LEU A 60 14.61 -17.77 -4.61
C LEU A 60 14.78 -18.18 -6.07
N GLU A 61 14.56 -17.22 -6.96
CA GLU A 61 14.52 -17.49 -8.39
C GLU A 61 15.93 -17.61 -8.98
N MET A 1 -20.45 -1.85 -2.20
CA MET A 1 -19.33 -1.75 -3.18
C MET A 1 -19.50 -0.50 -4.02
N SER A 2 -18.58 0.46 -3.86
CA SER A 2 -18.69 1.74 -4.54
C SER A 2 -17.32 2.18 -5.04
N LEU A 3 -17.29 2.83 -6.21
CA LEU A 3 -16.08 3.43 -6.69
C LEU A 3 -15.95 4.81 -6.06
N ASP A 4 -15.26 4.88 -4.94
CA ASP A 4 -15.20 6.10 -4.15
C ASP A 4 -13.78 6.60 -3.99
N PRO A 5 -13.32 7.46 -4.91
CA PRO A 5 -11.95 8.01 -4.89
C PRO A 5 -11.61 8.72 -3.58
N GLN A 6 -12.65 9.17 -2.87
CA GLN A 6 -12.46 9.88 -1.60
C GLN A 6 -11.84 8.95 -0.55
N LEU A 7 -12.39 7.75 -0.44
CA LEU A 7 -11.89 6.78 0.52
C LEU A 7 -10.67 6.04 -0.02
N LEU A 8 -10.24 6.40 -1.22
CA LEU A 8 -9.10 5.75 -1.85
C LEU A 8 -7.87 6.64 -1.86
N GLU A 9 -8.07 7.90 -2.29
CA GLU A 9 -6.97 8.86 -2.43
C GLU A 9 -5.98 8.44 -3.51
N VAL A 10 -5.02 9.29 -3.83
CA VAL A 10 -3.95 8.94 -4.74
C VAL A 10 -2.81 8.34 -3.95
N LEU A 11 -2.77 7.02 -3.91
CA LEU A 11 -1.84 6.28 -3.09
C LEU A 11 -0.43 6.29 -3.69
N ALA A 12 0.47 7.02 -3.05
CA ALA A 12 1.85 7.10 -3.48
C ALA A 12 2.78 6.72 -2.34
N CYS A 13 3.91 6.12 -2.69
CA CYS A 13 4.87 5.65 -1.69
C CYS A 13 5.68 6.82 -1.13
N PRO A 14 6.01 6.79 0.17
CA PRO A 14 6.88 7.79 0.79
C PRO A 14 8.32 7.69 0.29
N LYS A 15 8.68 6.49 -0.18
CA LYS A 15 10.03 6.23 -0.68
C LYS A 15 10.12 6.46 -2.18
N ASP A 16 9.43 5.61 -2.93
CA ASP A 16 9.53 5.60 -4.39
C ASP A 16 8.53 6.56 -5.03
N LYS A 17 7.50 6.91 -4.27
CA LYS A 17 6.39 7.75 -4.75
C LYS A 17 5.65 7.10 -5.90
N GLY A 18 5.82 5.79 -6.05
CA GLY A 18 5.08 5.06 -7.06
C GLY A 18 3.68 4.74 -6.58
N PRO A 19 2.78 4.37 -7.50
CA PRO A 19 1.39 4.02 -7.16
C PRO A 19 1.32 2.77 -6.31
N LEU A 20 0.68 2.88 -5.15
CA LEU A 20 0.52 1.75 -4.25
C LEU A 20 -0.58 0.83 -4.74
N ARG A 21 -0.32 -0.47 -4.69
CA ARG A 21 -1.33 -1.45 -5.06
C ARG A 21 -2.13 -1.82 -3.82
N TYR A 22 -3.44 -1.59 -3.89
CA TYR A 22 -4.32 -1.83 -2.76
C TYR A 22 -4.80 -3.28 -2.72
N LEU A 23 -4.62 -3.90 -1.57
CA LEU A 23 -5.16 -5.24 -1.34
C LEU A 23 -6.43 -5.15 -0.49
N GLU A 24 -7.54 -5.58 -1.08
CA GLU A 24 -8.85 -5.45 -0.44
C GLU A 24 -8.97 -6.37 0.78
N SER A 25 -8.26 -7.49 0.74
CA SER A 25 -8.36 -8.49 1.79
C SER A 25 -7.99 -7.95 3.18
N GLU A 26 -6.88 -7.24 3.28
CA GLU A 26 -6.36 -6.82 4.58
C GLU A 26 -6.16 -5.31 4.67
N GLN A 27 -6.65 -4.56 3.68
CA GLN A 27 -6.41 -3.13 3.61
C GLN A 27 -4.91 -2.85 3.58
N LEU A 28 -4.25 -3.37 2.56
CA LEU A 28 -2.81 -3.26 2.47
C LEU A 28 -2.40 -2.45 1.24
N LEU A 29 -1.40 -1.62 1.42
CA LEU A 29 -0.84 -0.85 0.34
C LEU A 29 0.56 -1.37 0.04
N VAL A 30 0.71 -2.05 -1.08
CA VAL A 30 1.98 -2.66 -1.41
C VAL A 30 2.58 -1.99 -2.64
N ASN A 31 3.81 -1.53 -2.50
CA ASN A 31 4.53 -1.00 -3.64
C ASN A 31 5.19 -2.13 -4.39
N GLU A 32 4.75 -2.33 -5.62
CA GLU A 32 5.17 -3.47 -6.42
C GLU A 32 6.59 -3.26 -6.95
N ARG A 33 7.08 -2.03 -6.81
CA ARG A 33 8.43 -1.70 -7.24
C ARG A 33 9.47 -2.07 -6.19
N LEU A 34 9.13 -1.86 -4.92
CA LEU A 34 10.08 -2.10 -3.82
C LEU A 34 9.74 -3.35 -3.01
N ASN A 35 8.53 -3.86 -3.18
CA ASN A 35 8.07 -5.06 -2.47
C ASN A 35 7.92 -4.78 -0.98
N LEU A 36 7.47 -3.57 -0.66
CA LEU A 36 7.26 -3.16 0.73
C LEU A 36 5.78 -2.85 0.93
N ALA A 37 5.27 -3.13 2.12
CA ALA A 37 3.84 -2.99 2.36
C ALA A 37 3.56 -2.05 3.52
N TYR A 38 2.52 -1.24 3.33
CA TYR A 38 2.02 -0.35 4.37
C TYR A 38 0.57 -0.74 4.65
N ARG A 39 0.15 -0.72 5.91
CA ARG A 39 -1.22 -1.06 6.23
C ARG A 39 -2.07 0.18 6.39
N ILE A 40 -3.34 0.06 6.06
CA ILE A 40 -4.31 1.06 6.46
C ILE A 40 -4.91 0.61 7.77
N ASP A 41 -4.58 1.32 8.84
CA ASP A 41 -4.88 0.85 10.18
C ASP A 41 -5.71 1.87 10.95
N ASP A 42 -6.90 1.44 11.38
CA ASP A 42 -7.81 2.28 12.18
C ASP A 42 -8.23 3.53 11.39
N GLY A 43 -8.25 3.39 10.07
CA GLY A 43 -8.66 4.49 9.22
C GLY A 43 -7.51 5.37 8.78
N ILE A 44 -6.31 5.02 9.21
CA ILE A 44 -5.12 5.78 8.85
C ILE A 44 -4.09 4.89 8.16
N PRO A 45 -3.76 5.19 6.89
CA PRO A 45 -2.69 4.51 6.17
C PRO A 45 -1.33 4.84 6.77
N VAL A 46 -0.63 3.82 7.26
CA VAL A 46 0.66 4.02 7.90
C VAL A 46 1.74 4.28 6.85
N LEU A 47 1.79 5.52 6.39
CA LEU A 47 2.78 5.92 5.40
C LEU A 47 4.01 6.48 6.09
N LEU A 48 4.80 5.60 6.68
CA LEU A 48 6.01 5.99 7.37
C LEU A 48 7.22 5.30 6.76
N ILE A 49 8.21 6.11 6.40
CA ILE A 49 9.41 5.64 5.71
C ILE A 49 10.04 4.42 6.39
N ASP A 50 10.42 4.58 7.65
CA ASP A 50 11.18 3.54 8.34
C ASP A 50 10.27 2.54 9.04
N GLU A 51 8.97 2.66 8.80
CA GLU A 51 8.00 1.76 9.40
C GLU A 51 7.56 0.70 8.38
N ALA A 52 8.05 0.86 7.15
CA ALA A 52 7.72 -0.05 6.07
C ALA A 52 8.20 -1.47 6.40
N THR A 53 7.39 -2.45 6.04
CA THR A 53 7.72 -3.84 6.33
C THR A 53 7.93 -4.60 5.01
N GLU A 54 8.81 -5.60 5.02
CA GLU A 54 9.05 -6.40 3.83
C GLU A 54 7.88 -7.31 3.56
N TRP A 55 7.39 -7.28 2.33
CA TRP A 55 6.21 -8.04 1.97
C TRP A 55 6.54 -9.18 1.02
N THR A 56 6.01 -10.36 1.32
CA THR A 56 6.13 -11.51 0.45
C THR A 56 4.97 -11.53 -0.54
N PRO A 57 5.23 -11.80 -1.83
CA PRO A 57 4.21 -11.78 -2.89
C PRO A 57 3.15 -12.88 -2.75
N ASN A 58 2.46 -12.91 -1.60
CA ASN A 58 1.35 -13.82 -1.35
C ASN A 58 1.84 -15.28 -1.37
N ASN A 59 0.92 -16.22 -1.51
CA ASN A 59 1.27 -17.63 -1.54
C ASN A 59 1.64 -18.06 -2.94
N LEU A 60 2.93 -18.16 -3.20
CA LEU A 60 3.41 -18.67 -4.48
C LEU A 60 3.56 -20.18 -4.40
N GLU A 61 2.55 -20.89 -4.88
CA GLU A 61 2.53 -22.34 -4.77
C GLU A 61 2.99 -23.00 -6.05
N MET A 1 -15.22 4.65 -12.66
CA MET A 1 -16.57 5.10 -12.24
C MET A 1 -16.92 4.55 -10.86
N SER A 2 -17.75 5.29 -10.13
CA SER A 2 -18.23 4.87 -8.82
C SER A 2 -17.08 4.86 -7.79
N LEU A 3 -17.32 4.20 -6.66
CA LEU A 3 -16.35 4.15 -5.56
C LEU A 3 -16.14 5.52 -4.94
N ASP A 4 -15.19 5.61 -4.03
CA ASP A 4 -14.87 6.86 -3.38
C ASP A 4 -13.40 7.21 -3.59
N PRO A 5 -13.09 7.92 -4.69
CA PRO A 5 -11.72 8.27 -5.05
C PRO A 5 -11.02 9.11 -3.98
N GLN A 6 -11.80 9.76 -3.12
CA GLN A 6 -11.24 10.62 -2.09
C GLN A 6 -10.64 9.81 -0.94
N LEU A 7 -11.12 8.58 -0.77
CA LEU A 7 -10.54 7.68 0.23
C LEU A 7 -9.19 7.16 -0.25
N LEU A 8 -8.93 7.31 -1.53
CA LEU A 8 -7.71 6.79 -2.14
C LEU A 8 -6.80 7.92 -2.59
N GLU A 9 -7.14 8.53 -3.74
CA GLU A 9 -6.28 9.52 -4.40
C GLU A 9 -4.94 8.88 -4.78
N VAL A 10 -3.94 9.70 -5.09
CA VAL A 10 -2.63 9.18 -5.45
C VAL A 10 -1.87 8.73 -4.21
N LEU A 11 -1.85 7.43 -3.98
CA LEU A 11 -1.12 6.86 -2.87
C LEU A 11 0.18 6.23 -3.37
N ALA A 12 1.30 6.79 -2.92
CA ALA A 12 2.59 6.34 -3.39
C ALA A 12 3.58 6.23 -2.23
N CYS A 13 4.61 5.41 -2.42
CA CYS A 13 5.65 5.24 -1.41
C CYS A 13 6.43 6.53 -1.20
N PRO A 14 6.81 6.86 0.05
CA PRO A 14 7.60 8.06 0.34
C PRO A 14 9.00 8.02 -0.27
N LYS A 15 9.48 6.82 -0.59
CA LYS A 15 10.82 6.65 -1.13
C LYS A 15 10.90 6.97 -2.61
N ASP A 16 10.32 6.10 -3.43
CA ASP A 16 10.42 6.22 -4.88
C ASP A 16 9.17 6.89 -5.45
N LYS A 17 8.16 7.04 -4.61
CA LYS A 17 6.86 7.57 -5.00
C LYS A 17 6.21 6.69 -6.05
N GLY A 18 6.44 5.38 -5.91
CA GLY A 18 5.77 4.41 -6.74
C GLY A 18 4.36 4.14 -6.26
N PRO A 19 3.40 3.97 -7.19
CA PRO A 19 1.99 3.74 -6.85
C PRO A 19 1.79 2.50 -5.99
N LEU A 20 0.95 2.64 -4.97
CA LEU A 20 0.67 1.55 -4.04
C LEU A 20 -0.40 0.63 -4.61
N ARG A 21 -0.12 -0.66 -4.53
CA ARG A 21 -1.06 -1.70 -4.94
C ARG A 21 -2.01 -1.98 -3.78
N TYR A 22 -3.30 -1.75 -4.00
CA TYR A 22 -4.29 -1.83 -2.93
C TYR A 22 -4.85 -3.24 -2.79
N LEU A 23 -4.56 -3.86 -1.65
CA LEU A 23 -5.12 -5.16 -1.32
C LEU A 23 -6.42 -4.96 -0.54
N GLU A 24 -7.53 -5.17 -1.22
CA GLU A 24 -8.86 -4.93 -0.65
C GLU A 24 -9.11 -5.76 0.60
N SER A 25 -8.78 -7.04 0.52
CA SER A 25 -9.11 -8.01 1.56
C SER A 25 -8.56 -7.62 2.93
N GLU A 26 -7.27 -7.29 2.98
CA GLU A 26 -6.61 -7.04 4.26
C GLU A 26 -6.33 -5.56 4.48
N GLN A 27 -6.84 -4.70 3.62
CA GLN A 27 -6.59 -3.26 3.72
C GLN A 27 -5.10 -2.97 3.75
N LEU A 28 -4.40 -3.39 2.70
CA LEU A 28 -2.96 -3.23 2.64
C LEU A 28 -2.55 -2.42 1.42
N LEU A 29 -1.55 -1.57 1.59
CA LEU A 29 -0.99 -0.81 0.48
C LEU A 29 0.44 -1.23 0.24
N VAL A 30 0.67 -1.91 -0.87
CA VAL A 30 1.99 -2.44 -1.19
C VAL A 30 2.54 -1.80 -2.45
N ASN A 31 3.66 -1.10 -2.34
CA ASN A 31 4.32 -0.56 -3.52
C ASN A 31 5.06 -1.68 -4.21
N GLU A 32 4.64 -2.01 -5.43
CA GLU A 32 5.16 -3.17 -6.13
C GLU A 32 6.58 -2.93 -6.64
N ARG A 33 6.98 -1.66 -6.65
CA ARG A 33 8.29 -1.28 -7.15
C ARG A 33 9.39 -1.57 -6.13
N LEU A 34 9.04 -1.52 -4.85
CA LEU A 34 9.97 -1.84 -3.78
C LEU A 34 9.51 -3.09 -3.04
N ASN A 35 8.28 -3.50 -3.33
CA ASN A 35 7.62 -4.64 -2.70
C ASN A 35 7.63 -4.49 -1.18
N LEU A 36 7.15 -3.34 -0.74
CA LEU A 36 7.03 -3.05 0.69
C LEU A 36 5.56 -2.82 1.02
N ALA A 37 5.17 -3.14 2.23
CA ALA A 37 3.76 -3.12 2.59
C ALA A 37 3.49 -2.14 3.72
N TYR A 38 2.50 -1.28 3.48
CA TYR A 38 2.05 -0.33 4.47
C TYR A 38 0.66 -0.73 4.95
N ARG A 39 0.43 -0.58 6.23
CA ARG A 39 -0.83 -1.02 6.83
C ARG A 39 -1.84 0.11 6.87
N ILE A 40 -3.09 -0.22 6.59
CA ILE A 40 -4.18 0.73 6.76
C ILE A 40 -4.89 0.42 8.08
N ASP A 41 -4.76 1.32 9.04
CA ASP A 41 -5.30 1.11 10.37
C ASP A 41 -6.19 2.28 10.76
N ASP A 42 -7.43 1.98 11.16
CA ASP A 42 -8.41 3.02 11.54
C ASP A 42 -8.76 3.91 10.33
N GLY A 43 -8.38 3.45 9.16
CA GLY A 43 -8.62 4.22 7.95
C GLY A 43 -7.44 5.12 7.63
N ILE A 44 -6.37 4.95 8.38
CA ILE A 44 -5.16 5.73 8.16
C ILE A 44 -4.08 4.85 7.54
N PRO A 45 -3.66 5.16 6.31
CA PRO A 45 -2.56 4.47 5.65
C PRO A 45 -1.23 4.86 6.28
N VAL A 46 -0.67 3.95 7.07
CA VAL A 46 0.59 4.22 7.75
C VAL A 46 1.76 4.14 6.76
N LEU A 47 2.15 5.29 6.23
CA LEU A 47 3.20 5.35 5.22
C LEU A 47 4.56 5.58 5.86
N LEU A 48 4.75 5.00 7.03
CA LEU A 48 6.01 5.11 7.72
C LEU A 48 6.98 4.05 7.22
N ILE A 49 8.12 4.50 6.71
CA ILE A 49 9.14 3.59 6.18
C ILE A 49 9.66 2.68 7.27
N ASP A 50 9.76 3.23 8.48
CA ASP A 50 10.21 2.47 9.64
C ASP A 50 9.23 1.34 10.00
N GLU A 51 7.96 1.56 9.66
CA GLU A 51 6.93 0.57 9.91
C GLU A 51 6.71 -0.33 8.69
N ALA A 52 7.32 0.07 7.58
CA ALA A 52 7.20 -0.70 6.35
C ALA A 52 7.98 -2.00 6.46
N THR A 53 7.32 -3.10 6.15
CA THR A 53 7.95 -4.40 6.19
C THR A 53 8.07 -4.95 4.77
N GLU A 54 9.11 -5.72 4.51
CA GLU A 54 9.28 -6.33 3.20
C GLU A 54 8.16 -7.35 2.99
N TRP A 55 7.42 -7.19 1.92
CA TRP A 55 6.19 -7.94 1.76
C TRP A 55 6.43 -9.31 1.15
N THR A 56 5.65 -10.27 1.61
CA THR A 56 5.64 -11.60 1.04
C THR A 56 4.26 -12.21 1.20
N PRO A 57 3.56 -12.44 0.08
CA PRO A 57 2.23 -13.04 0.08
C PRO A 57 2.24 -14.49 0.56
N ASN A 58 1.07 -15.09 0.65
CA ASN A 58 0.95 -16.47 1.10
C ASN A 58 1.36 -17.42 -0.02
N ASN A 59 1.52 -16.85 -1.19
CA ASN A 59 1.96 -17.59 -2.36
C ASN A 59 3.14 -16.88 -3.01
N LEU A 60 4.19 -17.63 -3.31
CA LEU A 60 5.38 -17.06 -3.91
C LEU A 60 5.48 -17.41 -5.39
N GLU A 61 5.19 -16.44 -6.24
CA GLU A 61 5.32 -16.61 -7.67
C GLU A 61 6.79 -16.60 -8.03
N MET A 1 -16.83 0.18 2.65
CA MET A 1 -17.72 -0.97 2.42
C MET A 1 -18.18 -1.02 0.97
N SER A 2 -18.87 0.01 0.54
CA SER A 2 -19.37 0.09 -0.83
C SER A 2 -18.93 1.40 -1.48
N LEU A 3 -17.81 1.35 -2.20
CA LEU A 3 -17.24 2.52 -2.85
C LEU A 3 -17.09 3.67 -1.85
N ASP A 4 -16.00 3.66 -1.10
CA ASP A 4 -15.82 4.60 0.00
C ASP A 4 -14.61 5.50 -0.21
N PRO A 5 -14.81 6.67 -0.85
CA PRO A 5 -13.73 7.65 -1.07
C PRO A 5 -13.26 8.30 0.24
N GLN A 6 -13.82 7.84 1.36
CA GLN A 6 -13.40 8.30 2.67
C GLN A 6 -12.09 7.64 3.06
N LEU A 7 -12.04 6.33 2.95
CA LEU A 7 -10.83 5.57 3.21
C LEU A 7 -9.85 5.69 2.05
N LEU A 8 -10.39 5.71 0.84
CA LEU A 8 -9.55 5.67 -0.36
C LEU A 8 -9.21 7.07 -0.87
N GLU A 9 -7.94 7.41 -0.78
CA GLU A 9 -7.43 8.65 -1.34
C GLU A 9 -6.18 8.34 -2.18
N VAL A 10 -5.83 9.23 -3.10
CA VAL A 10 -4.68 9.00 -3.95
C VAL A 10 -3.37 9.14 -3.17
N LEU A 11 -2.83 8.02 -2.73
CA LEU A 11 -1.64 8.02 -1.91
C LEU A 11 -0.43 7.54 -2.72
N ALA A 12 0.76 7.94 -2.30
CA ALA A 12 1.98 7.56 -3.00
C ALA A 12 3.03 7.03 -2.03
N CYS A 13 4.12 6.53 -2.57
CA CYS A 13 5.19 5.95 -1.76
C CYS A 13 6.18 7.03 -1.32
N PRO A 14 6.44 7.13 0.00
CA PRO A 14 7.37 8.12 0.55
C PRO A 14 8.85 7.76 0.34
N LYS A 15 9.17 7.34 -0.89
CA LYS A 15 10.54 7.00 -1.25
C LYS A 15 10.75 7.11 -2.75
N ASP A 16 10.21 6.16 -3.50
CA ASP A 16 10.33 6.15 -4.96
C ASP A 16 9.16 6.89 -5.58
N LYS A 17 8.08 7.01 -4.81
CA LYS A 17 6.85 7.66 -5.24
C LYS A 17 6.28 6.92 -6.46
N GLY A 18 6.20 5.60 -6.33
CA GLY A 18 5.62 4.77 -7.36
C GLY A 18 4.19 4.38 -7.02
N PRO A 19 3.54 3.57 -7.88
CA PRO A 19 2.16 3.15 -7.68
C PRO A 19 1.99 2.11 -6.58
N LEU A 20 1.06 2.38 -5.67
CA LEU A 20 0.74 1.45 -4.60
C LEU A 20 -0.34 0.46 -5.04
N ARG A 21 -0.07 -0.82 -4.84
CA ARG A 21 -1.04 -1.87 -5.14
C ARG A 21 -1.89 -2.13 -3.91
N TYR A 22 -3.18 -1.86 -4.00
CA TYR A 22 -4.06 -1.93 -2.84
C TYR A 22 -4.73 -3.29 -2.74
N LEU A 23 -4.70 -3.86 -1.54
CA LEU A 23 -5.40 -5.10 -1.25
C LEU A 23 -6.56 -4.83 -0.29
N GLU A 24 -7.78 -4.87 -0.82
CA GLU A 24 -8.98 -4.57 -0.04
C GLU A 24 -9.19 -5.55 1.10
N SER A 25 -8.70 -6.78 0.93
CA SER A 25 -8.93 -7.84 1.89
C SER A 25 -8.21 -7.60 3.22
N GLU A 26 -7.03 -7.01 3.17
CA GLU A 26 -6.21 -6.83 4.38
C GLU A 26 -5.83 -5.38 4.61
N GLN A 27 -6.41 -4.48 3.80
CA GLN A 27 -6.11 -3.04 3.90
C GLN A 27 -4.62 -2.77 3.80
N LEU A 28 -4.01 -3.29 2.74
CA LEU A 28 -2.58 -3.13 2.54
C LEU A 28 -2.29 -2.38 1.26
N LEU A 29 -1.31 -1.49 1.32
CA LEU A 29 -0.79 -0.81 0.14
C LEU A 29 0.61 -1.32 -0.13
N VAL A 30 0.76 -2.11 -1.18
CA VAL A 30 2.02 -2.78 -1.44
C VAL A 30 2.70 -2.23 -2.68
N ASN A 31 3.93 -1.81 -2.52
CA ASN A 31 4.74 -1.45 -3.67
C ASN A 31 5.59 -2.65 -4.04
N GLU A 32 5.34 -3.21 -5.21
CA GLU A 32 5.98 -4.45 -5.63
C GLU A 32 7.36 -4.16 -6.20
N ARG A 33 7.61 -2.90 -6.49
CA ARG A 33 8.89 -2.47 -7.04
C ARG A 33 9.92 -2.39 -5.93
N LEU A 34 9.47 -1.95 -4.75
CA LEU A 34 10.35 -1.86 -3.58
C LEU A 34 10.19 -3.08 -2.69
N ASN A 35 9.10 -3.83 -2.90
CA ASN A 35 8.78 -5.02 -2.09
C ASN A 35 8.40 -4.58 -0.67
N LEU A 36 7.86 -3.37 -0.56
CA LEU A 36 7.49 -2.81 0.73
C LEU A 36 6.00 -2.54 0.77
N ALA A 37 5.39 -2.82 1.91
CA ALA A 37 3.96 -2.64 2.07
C ALA A 37 3.65 -1.71 3.23
N TYR A 38 2.66 -0.86 3.03
CA TYR A 38 2.18 0.04 4.06
C TYR A 38 0.79 -0.40 4.50
N ARG A 39 0.53 -0.34 5.79
CA ARG A 39 -0.71 -0.86 6.34
C ARG A 39 -1.70 0.27 6.63
N ILE A 40 -2.96 0.00 6.38
CA ILE A 40 -4.02 0.89 6.82
C ILE A 40 -4.54 0.39 8.16
N ASP A 41 -4.38 1.19 9.19
CA ASP A 41 -4.69 0.77 10.54
C ASP A 41 -5.69 1.73 11.18
N ASP A 42 -6.83 1.17 11.62
CA ASP A 42 -7.87 1.94 12.31
C ASP A 42 -8.47 3.01 11.40
N GLY A 43 -8.30 2.82 10.10
CA GLY A 43 -8.80 3.78 9.13
C GLY A 43 -7.74 4.79 8.73
N ILE A 44 -6.56 4.67 9.31
CA ILE A 44 -5.45 5.55 9.01
C ILE A 44 -4.35 4.80 8.27
N PRO A 45 -4.07 5.19 7.02
CA PRO A 45 -2.98 4.61 6.24
C PRO A 45 -1.62 4.99 6.82
N VAL A 46 -0.93 4.03 7.40
CA VAL A 46 0.37 4.26 8.00
C VAL A 46 1.45 4.27 6.92
N LEU A 47 1.72 5.45 6.37
CA LEU A 47 2.69 5.59 5.30
C LEU A 47 3.99 6.16 5.86
N LEU A 48 4.74 5.32 6.55
CA LEU A 48 6.03 5.74 7.11
C LEU A 48 7.14 4.88 6.54
N ILE A 49 8.30 5.47 6.36
CA ILE A 49 9.42 4.83 5.68
C ILE A 49 9.96 3.65 6.47
N ASP A 50 10.16 3.83 7.77
CA ASP A 50 10.74 2.79 8.62
C ASP A 50 9.70 1.73 8.93
N GLU A 51 8.46 2.17 9.01
CA GLU A 51 7.35 1.31 9.40
C GLU A 51 6.89 0.44 8.23
N ALA A 52 7.51 0.65 7.07
CA ALA A 52 7.22 -0.15 5.90
C ALA A 52 7.58 -1.61 6.15
N THR A 53 6.64 -2.50 5.91
CA THR A 53 6.83 -3.90 6.16
C THR A 53 7.05 -4.63 4.85
N GLU A 54 7.87 -5.65 4.85
CA GLU A 54 8.12 -6.42 3.63
C GLU A 54 6.98 -7.41 3.41
N TRP A 55 6.57 -7.54 2.17
CA TRP A 55 5.43 -8.38 1.84
C TRP A 55 5.79 -9.37 0.74
N THR A 56 5.16 -10.53 0.77
CA THR A 56 5.33 -11.53 -0.28
C THR A 56 4.15 -11.45 -1.26
N PRO A 57 4.36 -10.80 -2.42
CA PRO A 57 3.30 -10.58 -3.40
C PRO A 57 2.88 -11.88 -4.09
N ASN A 58 1.61 -12.25 -3.92
CA ASN A 58 1.08 -13.43 -4.57
C ASN A 58 0.60 -13.08 -5.97
N ASN A 59 1.32 -13.56 -6.97
CA ASN A 59 0.95 -13.29 -8.36
C ASN A 59 0.72 -14.58 -9.13
N LEU A 60 -0.54 -15.03 -9.14
CA LEU A 60 -0.98 -16.18 -9.93
C LEU A 60 -0.36 -17.50 -9.47
N GLU A 61 -1.19 -18.38 -8.93
CA GLU A 61 -0.75 -19.72 -8.57
C GLU A 61 -0.64 -20.60 -9.81
N MET A 1 -20.81 -2.77 -10.97
CA MET A 1 -19.36 -2.59 -11.07
C MET A 1 -19.04 -1.13 -11.40
N SER A 2 -18.61 -0.39 -10.38
CA SER A 2 -18.29 1.02 -10.56
C SER A 2 -16.90 1.32 -10.01
N LEU A 3 -16.13 2.09 -10.75
CA LEU A 3 -14.83 2.54 -10.27
C LEU A 3 -14.97 3.92 -9.65
N ASP A 4 -14.84 3.98 -8.33
CA ASP A 4 -14.99 5.23 -7.60
C ASP A 4 -13.67 5.62 -6.94
N PRO A 5 -12.81 6.36 -7.68
CA PRO A 5 -11.50 6.80 -7.17
C PRO A 5 -11.63 7.84 -6.05
N GLN A 6 -12.86 8.25 -5.75
CA GLN A 6 -13.11 9.18 -4.66
C GLN A 6 -12.90 8.47 -3.34
N LEU A 7 -13.32 7.22 -3.27
CA LEU A 7 -13.14 6.40 -2.08
C LEU A 7 -11.76 5.75 -2.06
N LEU A 8 -10.88 6.19 -2.95
CA LEU A 8 -9.55 5.59 -3.07
C LEU A 8 -8.46 6.65 -2.99
N GLU A 9 -8.53 7.63 -3.90
CA GLU A 9 -7.51 8.68 -4.03
C GLU A 9 -6.17 8.09 -4.46
N VAL A 10 -5.13 8.93 -4.47
CA VAL A 10 -3.82 8.49 -4.89
C VAL A 10 -2.97 8.10 -3.68
N LEU A 11 -2.74 6.80 -3.54
CA LEU A 11 -1.91 6.29 -2.47
C LEU A 11 -0.53 5.89 -3.01
N ALA A 12 0.47 6.65 -2.63
CA ALA A 12 1.81 6.44 -3.15
C ALA A 12 2.82 6.20 -2.03
N CYS A 13 3.97 5.67 -2.39
CA CYS A 13 5.04 5.38 -1.44
C CYS A 13 5.78 6.67 -1.08
N PRO A 14 5.98 6.93 0.23
CA PRO A 14 6.69 8.12 0.73
C PRO A 14 8.20 8.10 0.43
N LYS A 15 8.55 7.56 -0.73
CA LYS A 15 9.93 7.54 -1.18
C LYS A 15 10.08 8.28 -2.49
N ASP A 16 9.46 7.74 -3.54
CA ASP A 16 9.61 8.29 -4.88
C ASP A 16 8.25 8.48 -5.55
N LYS A 17 7.19 8.54 -4.73
CA LYS A 17 5.83 8.77 -5.22
C LYS A 17 5.33 7.59 -6.05
N GLY A 18 5.96 6.43 -5.90
CA GLY A 18 5.53 5.24 -6.61
C GLY A 18 4.19 4.74 -6.12
N PRO A 19 3.23 4.49 -7.03
CA PRO A 19 1.89 4.03 -6.68
C PRO A 19 1.89 2.68 -5.97
N LEU A 20 1.04 2.57 -4.95
CA LEU A 20 0.93 1.34 -4.18
C LEU A 20 -0.27 0.53 -4.65
N ARG A 21 -0.22 -0.79 -4.50
CA ARG A 21 -1.36 -1.62 -4.79
C ARG A 21 -2.28 -1.68 -3.58
N TYR A 22 -3.51 -1.24 -3.76
CA TYR A 22 -4.49 -1.20 -2.67
C TYR A 22 -5.20 -2.54 -2.57
N LEU A 23 -4.90 -3.28 -1.52
CA LEU A 23 -5.60 -4.53 -1.26
C LEU A 23 -6.90 -4.25 -0.52
N GLU A 24 -8.00 -4.52 -1.18
CA GLU A 24 -9.32 -4.23 -0.63
C GLU A 24 -9.79 -5.35 0.28
N SER A 25 -9.21 -6.52 0.09
CA SER A 25 -9.53 -7.68 0.89
C SER A 25 -8.95 -7.60 2.30
N GLU A 26 -7.64 -7.42 2.40
CA GLU A 26 -6.98 -7.41 3.71
C GLU A 26 -6.51 -6.02 4.11
N GLN A 27 -6.84 -5.03 3.29
CA GLN A 27 -6.48 -3.63 3.52
C GLN A 27 -4.98 -3.45 3.77
N LEU A 28 -4.21 -3.60 2.71
CA LEU A 28 -2.77 -3.42 2.76
C LEU A 28 -2.32 -2.57 1.59
N LEU A 29 -1.29 -1.77 1.79
CA LEU A 29 -0.72 -0.99 0.70
C LEU A 29 0.66 -1.54 0.37
N VAL A 30 0.78 -2.17 -0.78
CA VAL A 30 2.01 -2.83 -1.15
C VAL A 30 2.64 -2.18 -2.37
N ASN A 31 3.89 -1.78 -2.24
CA ASN A 31 4.64 -1.27 -3.38
C ASN A 31 5.21 -2.48 -4.12
N GLU A 32 4.75 -2.67 -5.34
CA GLU A 32 5.09 -3.87 -6.10
C GLU A 32 6.42 -3.69 -6.82
N ARG A 33 6.96 -2.49 -6.75
CA ARG A 33 8.23 -2.19 -7.39
C ARG A 33 9.37 -2.28 -6.39
N LEU A 34 9.09 -1.88 -5.15
CA LEU A 34 10.11 -1.89 -4.10
C LEU A 34 9.94 -3.08 -3.17
N ASN A 35 8.81 -3.77 -3.30
CA ASN A 35 8.51 -4.96 -2.48
C ASN A 35 8.34 -4.59 -1.01
N LEU A 36 7.78 -3.42 -0.75
CA LEU A 36 7.56 -2.97 0.61
C LEU A 36 6.07 -2.77 0.87
N ALA A 37 5.63 -3.06 2.09
CA ALA A 37 4.21 -2.98 2.42
C ALA A 37 3.96 -2.03 3.58
N TYR A 38 2.86 -1.30 3.48
CA TYR A 38 2.41 -0.40 4.53
C TYR A 38 1.06 -0.86 5.04
N ARG A 39 0.73 -0.51 6.27
CA ARG A 39 -0.53 -0.95 6.87
C ARG A 39 -1.59 0.14 6.77
N ILE A 40 -2.84 -0.27 6.96
CA ILE A 40 -3.93 0.67 7.07
C ILE A 40 -4.62 0.47 8.42
N ASP A 41 -4.90 1.56 9.11
CA ASP A 41 -5.52 1.48 10.43
C ASP A 41 -6.85 2.22 10.44
N ASP A 42 -7.94 1.47 10.30
CA ASP A 42 -9.30 2.02 10.44
C ASP A 42 -9.51 3.22 9.53
N GLY A 43 -9.34 3.01 8.23
CA GLY A 43 -9.58 4.08 7.27
C GLY A 43 -8.37 4.95 7.00
N ILE A 44 -7.41 4.92 7.91
CA ILE A 44 -6.22 5.77 7.77
C ILE A 44 -5.00 4.94 7.40
N PRO A 45 -4.45 5.15 6.20
CA PRO A 45 -3.24 4.47 5.76
C PRO A 45 -2.02 4.92 6.56
N VAL A 46 -1.24 3.95 7.03
CA VAL A 46 -0.06 4.24 7.83
C VAL A 46 1.17 4.32 6.93
N LEU A 47 1.58 5.54 6.62
CA LEU A 47 2.72 5.75 5.74
C LEU A 47 3.98 6.03 6.54
N LEU A 48 4.55 4.98 7.10
CA LEU A 48 5.78 5.09 7.86
C LEU A 48 6.90 4.30 7.19
N ILE A 49 8.00 4.96 6.91
CA ILE A 49 9.13 4.31 6.26
C ILE A 49 9.76 3.29 7.22
N ASP A 50 9.74 3.61 8.50
CA ASP A 50 10.31 2.73 9.52
C ASP A 50 9.37 1.57 9.84
N GLU A 51 8.24 1.53 9.16
CA GLU A 51 7.28 0.45 9.36
C GLU A 51 7.14 -0.38 8.08
N ALA A 52 7.90 0.00 7.06
CA ALA A 52 7.84 -0.67 5.78
C ALA A 52 8.53 -2.03 5.85
N THR A 53 7.73 -3.09 5.80
CA THR A 53 8.28 -4.43 5.82
C THR A 53 8.25 -5.01 4.41
N GLU A 54 9.20 -5.89 4.11
CA GLU A 54 9.28 -6.51 2.81
C GLU A 54 8.08 -7.43 2.58
N TRP A 55 7.49 -7.33 1.41
CA TRP A 55 6.37 -8.18 1.05
C TRP A 55 6.79 -9.04 -0.13
N THR A 56 6.70 -10.35 0.04
CA THR A 56 7.12 -11.31 -0.98
C THR A 56 6.23 -11.20 -2.22
N PRO A 57 6.64 -11.82 -3.34
CA PRO A 57 5.84 -11.86 -4.57
C PRO A 57 4.51 -12.59 -4.35
N ASN A 58 3.57 -11.89 -3.73
CA ASN A 58 2.27 -12.46 -3.44
C ASN A 58 1.29 -12.17 -4.56
N ASN A 59 1.40 -12.96 -5.62
CA ASN A 59 0.55 -12.83 -6.80
C ASN A 59 0.61 -14.11 -7.60
N LEU A 60 -0.13 -14.16 -8.69
CA LEU A 60 -0.24 -15.40 -9.47
C LEU A 60 0.83 -15.49 -10.55
N GLU A 61 2.03 -15.05 -10.24
CA GLU A 61 3.17 -15.22 -11.13
C GLU A 61 4.47 -15.19 -10.35
N MET A 1 -20.34 1.26 -12.31
CA MET A 1 -20.15 1.41 -10.85
C MET A 1 -19.64 2.80 -10.53
N SER A 2 -20.17 3.39 -9.46
CA SER A 2 -19.73 4.70 -9.03
C SER A 2 -18.29 4.67 -8.52
N LEU A 3 -17.49 5.63 -8.96
CA LEU A 3 -16.10 5.70 -8.55
C LEU A 3 -15.91 6.80 -7.51
N ASP A 4 -15.16 6.50 -6.45
CA ASP A 4 -14.93 7.45 -5.37
C ASP A 4 -13.44 7.64 -5.12
N PRO A 5 -12.81 8.59 -5.82
CA PRO A 5 -11.39 8.89 -5.67
C PRO A 5 -11.08 9.58 -4.33
N GLN A 6 -12.14 9.88 -3.57
CA GLN A 6 -12.00 10.57 -2.30
C GLN A 6 -11.65 9.58 -1.18
N LEU A 7 -12.15 8.35 -1.30
CA LEU A 7 -11.76 7.28 -0.39
C LEU A 7 -10.30 6.92 -0.61
N LEU A 8 -9.83 7.17 -1.83
CA LEU A 8 -8.47 6.84 -2.21
C LEU A 8 -7.52 7.96 -1.81
N GLU A 9 -7.85 9.18 -2.22
CA GLU A 9 -7.00 10.35 -2.01
C GLU A 9 -5.69 10.21 -2.77
N VAL A 10 -4.71 11.04 -2.41
CA VAL A 10 -3.40 11.01 -3.06
C VAL A 10 -2.60 9.81 -2.56
N LEU A 11 -2.44 8.82 -3.42
CA LEU A 11 -1.74 7.60 -3.04
C LEU A 11 -0.44 7.44 -3.81
N ALA A 12 0.67 7.56 -3.09
CA ALA A 12 1.99 7.39 -3.66
C ALA A 12 2.97 6.94 -2.59
N CYS A 13 3.96 6.15 -2.97
CA CYS A 13 4.98 5.70 -2.03
C CYS A 13 5.86 6.87 -1.60
N PRO A 14 6.00 7.09 -0.29
CA PRO A 14 6.80 8.21 0.25
C PRO A 14 8.25 8.18 -0.22
N LYS A 15 8.83 6.99 -0.31
CA LYS A 15 10.24 6.86 -0.69
C LYS A 15 10.38 6.76 -2.21
N ASP A 16 9.68 5.80 -2.81
CA ASP A 16 9.84 5.48 -4.22
C ASP A 16 9.07 6.45 -5.12
N LYS A 17 8.03 7.06 -4.56
CA LYS A 17 7.15 7.96 -5.31
C LYS A 17 6.48 7.24 -6.48
N GLY A 18 6.25 5.94 -6.28
CA GLY A 18 5.55 5.16 -7.27
C GLY A 18 4.16 4.78 -6.81
N PRO A 19 3.41 4.03 -7.63
CA PRO A 19 2.03 3.64 -7.31
C PRO A 19 1.96 2.56 -6.24
N LEU A 20 0.80 2.46 -5.59
CA LEU A 20 0.60 1.48 -4.53
C LEU A 20 -0.49 0.49 -4.94
N ARG A 21 -0.24 -0.79 -4.68
CA ARG A 21 -1.22 -1.83 -4.99
C ARG A 21 -2.18 -1.99 -3.82
N TYR A 22 -3.46 -1.82 -4.09
CA TYR A 22 -4.48 -1.85 -3.05
C TYR A 22 -5.03 -3.26 -2.85
N LEU A 23 -4.81 -3.79 -1.66
CA LEU A 23 -5.40 -5.07 -1.28
C LEU A 23 -6.82 -4.84 -0.77
N GLU A 24 -7.75 -5.68 -1.19
CA GLU A 24 -9.17 -5.45 -0.92
C GLU A 24 -9.66 -6.18 0.33
N SER A 25 -9.06 -7.34 0.62
CA SER A 25 -9.45 -8.11 1.80
C SER A 25 -8.61 -7.69 2.99
N GLU A 26 -7.31 -7.63 2.76
CA GLU A 26 -6.35 -7.23 3.78
C GLU A 26 -6.38 -5.72 3.94
N GLN A 27 -6.71 -5.04 2.85
CA GLN A 27 -6.73 -3.58 2.79
C GLN A 27 -5.42 -2.98 3.29
N LEU A 28 -4.40 -3.18 2.49
CA LEU A 28 -3.07 -2.68 2.77
C LEU A 28 -2.52 -2.05 1.49
N LEU A 29 -1.51 -1.21 1.61
CA LEU A 29 -0.93 -0.58 0.44
C LEU A 29 0.48 -1.10 0.23
N VAL A 30 0.66 -1.89 -0.83
CA VAL A 30 1.94 -2.52 -1.09
C VAL A 30 2.53 -2.01 -2.39
N ASN A 31 3.79 -1.58 -2.35
CA ASN A 31 4.47 -1.19 -3.57
C ASN A 31 5.38 -2.32 -4.01
N GLU A 32 5.07 -2.90 -5.16
CA GLU A 32 5.75 -4.10 -5.63
C GLU A 32 7.11 -3.74 -6.23
N ARG A 33 7.37 -2.45 -6.34
CA ARG A 33 8.66 -1.96 -6.81
C ARG A 33 9.70 -2.03 -5.71
N LEU A 34 9.25 -1.85 -4.47
CA LEU A 34 10.15 -1.90 -3.33
C LEU A 34 10.00 -3.22 -2.57
N ASN A 35 8.90 -3.92 -2.83
CA ASN A 35 8.55 -5.14 -2.10
C ASN A 35 8.24 -4.78 -0.65
N LEU A 36 7.76 -3.55 -0.46
CA LEU A 36 7.46 -3.04 0.88
C LEU A 36 5.98 -2.70 0.98
N ALA A 37 5.41 -2.93 2.14
CA ALA A 37 3.99 -2.71 2.36
C ALA A 37 3.76 -1.72 3.50
N TYR A 38 2.77 -0.86 3.31
CA TYR A 38 2.36 0.08 4.33
C TYR A 38 1.02 -0.35 4.90
N ARG A 39 0.96 -0.52 6.20
CA ARG A 39 -0.26 -0.98 6.84
C ARG A 39 -1.29 0.14 6.97
N ILE A 40 -2.54 -0.20 6.75
CA ILE A 40 -3.63 0.73 6.95
C ILE A 40 -4.32 0.43 8.26
N ASP A 41 -4.26 1.37 9.20
CA ASP A 41 -4.82 1.16 10.52
C ASP A 41 -6.24 1.70 10.57
N ASP A 42 -7.21 0.82 10.31
CA ASP A 42 -8.63 1.15 10.29
C ASP A 42 -8.91 2.43 9.51
N GLY A 43 -8.80 2.33 8.19
CA GLY A 43 -9.13 3.45 7.33
C GLY A 43 -8.04 4.49 7.24
N ILE A 44 -7.02 4.39 8.08
CA ILE A 44 -5.93 5.36 8.08
C ILE A 44 -4.62 4.71 7.67
N PRO A 45 -4.17 4.95 6.43
CA PRO A 45 -2.93 4.38 5.91
C PRO A 45 -1.70 4.99 6.58
N VAL A 46 -0.87 4.14 7.16
CA VAL A 46 0.36 4.59 7.80
C VAL A 46 1.48 4.69 6.77
N LEU A 47 1.58 5.84 6.14
CA LEU A 47 2.56 6.04 5.09
C LEU A 47 3.91 6.44 5.68
N LEU A 48 4.55 5.50 6.36
CA LEU A 48 5.85 5.73 6.95
C LEU A 48 6.86 4.75 6.38
N ILE A 49 7.90 5.29 5.77
CA ILE A 49 8.93 4.48 5.11
C ILE A 49 9.59 3.51 6.09
N ASP A 50 9.83 3.99 7.29
CA ASP A 50 10.51 3.21 8.33
C ASP A 50 9.62 2.08 8.85
N GLU A 51 8.33 2.14 8.50
CA GLU A 51 7.39 1.12 8.94
C GLU A 51 7.07 0.15 7.81
N ALA A 52 7.61 0.42 6.64
CA ALA A 52 7.37 -0.41 5.47
C ALA A 52 8.03 -1.78 5.63
N THR A 53 7.21 -2.80 5.79
CA THR A 53 7.71 -4.15 5.96
C THR A 53 7.73 -4.88 4.62
N GLU A 54 8.49 -5.95 4.55
CA GLU A 54 8.59 -6.74 3.34
C GLU A 54 7.37 -7.64 3.21
N TRP A 55 6.74 -7.61 2.04
CA TRP A 55 5.52 -8.36 1.84
C TRP A 55 5.72 -9.42 0.76
N THR A 56 4.99 -10.52 0.89
CA THR A 56 5.06 -11.61 -0.07
C THR A 56 4.28 -11.28 -1.33
N PRO A 57 4.71 -11.81 -2.48
CA PRO A 57 4.02 -11.62 -3.76
C PRO A 57 2.65 -12.29 -3.76
N ASN A 58 1.92 -12.13 -4.86
CA ASN A 58 0.58 -12.72 -4.99
C ASN A 58 0.69 -14.18 -5.44
N ASN A 59 1.91 -14.72 -5.35
CA ASN A 59 2.18 -16.09 -5.73
C ASN A 59 2.98 -16.77 -4.62
N LEU A 60 2.47 -17.89 -4.12
CA LEU A 60 3.08 -18.56 -2.98
C LEU A 60 4.20 -19.50 -3.41
N GLU A 61 5.31 -19.44 -2.69
CA GLU A 61 6.53 -20.17 -3.04
C GLU A 61 6.97 -19.82 -4.45
N MET A 1 -23.27 7.48 -6.29
CA MET A 1 -22.05 6.88 -6.88
C MET A 1 -21.64 5.63 -6.11
N SER A 2 -21.08 4.66 -6.82
CA SER A 2 -20.61 3.44 -6.20
C SER A 2 -19.10 3.46 -6.05
N LEU A 3 -18.62 2.98 -4.91
CA LEU A 3 -17.19 3.00 -4.58
C LEU A 3 -16.73 4.44 -4.33
N ASP A 4 -16.34 4.72 -3.09
CA ASP A 4 -15.94 6.08 -2.72
C ASP A 4 -14.44 6.19 -2.50
N PRO A 5 -13.67 6.49 -3.56
CA PRO A 5 -12.23 6.68 -3.45
C PRO A 5 -11.88 8.00 -2.75
N GLN A 6 -12.91 8.71 -2.28
CA GLN A 6 -12.74 9.99 -1.62
C GLN A 6 -12.15 9.79 -0.23
N LEU A 7 -12.59 8.74 0.45
CA LEU A 7 -12.09 8.41 1.78
C LEU A 7 -10.71 7.75 1.71
N LEU A 8 -10.18 7.61 0.50
CA LEU A 8 -8.88 6.99 0.32
C LEU A 8 -7.91 7.94 -0.37
N GLU A 9 -8.37 8.58 -1.44
CA GLU A 9 -7.56 9.50 -2.22
C GLU A 9 -6.35 8.80 -2.85
N VAL A 10 -5.39 9.59 -3.32
CA VAL A 10 -4.19 9.04 -3.93
C VAL A 10 -3.10 8.87 -2.88
N LEU A 11 -2.79 7.62 -2.58
CA LEU A 11 -1.80 7.30 -1.55
C LEU A 11 -0.45 7.01 -2.18
N ALA A 12 0.56 7.75 -1.73
CA ALA A 12 1.91 7.60 -2.25
C ALA A 12 2.87 7.19 -1.15
N CYS A 13 4.08 6.80 -1.55
CA CYS A 13 5.08 6.33 -0.61
C CYS A 13 5.91 7.50 -0.07
N PRO A 14 6.27 7.44 1.23
CA PRO A 14 7.10 8.49 1.86
C PRO A 14 8.56 8.46 1.39
N LYS A 15 8.91 7.43 0.61
CA LYS A 15 10.26 7.29 0.10
C LYS A 15 10.43 7.95 -1.27
N ASP A 16 9.81 7.37 -2.29
CA ASP A 16 9.96 7.87 -3.66
C ASP A 16 8.61 8.27 -4.24
N LYS A 17 7.60 8.36 -3.37
CA LYS A 17 6.24 8.71 -3.78
C LYS A 17 5.74 7.85 -4.93
N GLY A 18 6.17 6.59 -4.94
CA GLY A 18 5.73 5.66 -5.95
C GLY A 18 4.33 5.16 -5.69
N PRO A 19 3.70 4.52 -6.68
CA PRO A 19 2.31 4.04 -6.57
C PRO A 19 2.16 2.88 -5.59
N LEU A 20 1.04 2.89 -4.88
CA LEU A 20 0.70 1.82 -3.95
C LEU A 20 -0.53 1.07 -4.42
N ARG A 21 -0.45 -0.25 -4.46
CA ARG A 21 -1.59 -1.07 -4.84
C ARG A 21 -2.36 -1.49 -3.59
N TYR A 22 -3.67 -1.36 -3.63
CA TYR A 22 -4.50 -1.62 -2.47
C TYR A 22 -5.01 -3.07 -2.45
N LEU A 23 -4.70 -3.77 -1.39
CA LEU A 23 -5.20 -5.12 -1.18
C LEU A 23 -6.29 -5.11 -0.11
N GLU A 24 -7.41 -5.74 -0.42
CA GLU A 24 -8.59 -5.70 0.44
C GLU A 24 -8.49 -6.68 1.59
N SER A 25 -7.46 -7.52 1.57
CA SER A 25 -7.27 -8.56 2.58
C SER A 25 -7.33 -8.01 4.00
N GLU A 26 -6.47 -7.05 4.32
CA GLU A 26 -6.47 -6.42 5.63
C GLU A 26 -6.33 -4.91 5.50
N GLN A 27 -6.71 -4.40 4.33
CA GLN A 27 -6.46 -3.01 3.96
C GLN A 27 -4.96 -2.76 3.93
N LEU A 28 -4.32 -3.26 2.89
CA LEU A 28 -2.87 -3.20 2.80
C LEU A 28 -2.44 -2.45 1.55
N LEU A 29 -1.36 -1.71 1.67
CA LEU A 29 -0.78 -1.01 0.55
C LEU A 29 0.55 -1.64 0.17
N VAL A 30 0.65 -2.10 -1.07
CA VAL A 30 1.86 -2.74 -1.54
C VAL A 30 2.60 -1.86 -2.52
N ASN A 31 3.83 -1.52 -2.19
CA ASN A 31 4.68 -0.72 -3.04
C ASN A 31 5.26 -1.61 -4.14
N GLU A 32 4.90 -1.31 -5.38
CA GLU A 32 5.26 -2.14 -6.52
C GLU A 32 6.58 -1.68 -7.13
N ARG A 33 7.40 -1.04 -6.31
CA ARG A 33 8.71 -0.54 -6.75
C ARG A 33 9.84 -1.25 -6.00
N LEU A 34 9.82 -1.13 -4.69
CA LEU A 34 10.85 -1.70 -3.84
C LEU A 34 10.37 -3.01 -3.23
N ASN A 35 9.09 -3.30 -3.48
CA ASN A 35 8.43 -4.50 -2.95
C ASN A 35 8.35 -4.43 -1.43
N LEU A 36 7.55 -3.48 -0.95
CA LEU A 36 7.37 -3.27 0.49
C LEU A 36 5.88 -3.07 0.78
N ALA A 37 5.48 -3.26 2.03
CA ALA A 37 4.08 -3.16 2.39
C ALA A 37 3.84 -2.11 3.46
N TYR A 38 2.78 -1.34 3.28
CA TYR A 38 2.33 -0.38 4.27
C TYR A 38 0.97 -0.80 4.80
N ARG A 39 0.73 -0.54 6.07
CA ARG A 39 -0.49 -1.01 6.73
C ARG A 39 -1.50 0.11 6.82
N ILE A 40 -2.77 -0.20 6.62
CA ILE A 40 -3.83 0.77 6.75
C ILE A 40 -4.63 0.53 8.03
N ASP A 41 -4.68 1.51 8.90
CA ASP A 41 -5.38 1.38 10.17
C ASP A 41 -6.81 1.89 10.05
N ASP A 42 -7.72 0.95 9.78
CA ASP A 42 -9.17 1.22 9.72
C ASP A 42 -9.54 2.29 8.67
N GLY A 43 -8.62 2.56 7.76
CA GLY A 43 -8.88 3.55 6.74
C GLY A 43 -7.81 4.61 6.66
N ILE A 44 -6.99 4.70 7.70
CA ILE A 44 -5.89 5.65 7.73
C ILE A 44 -4.57 4.93 7.53
N PRO A 45 -3.88 5.20 6.43
CA PRO A 45 -2.62 4.55 6.08
C PRO A 45 -1.50 4.90 7.05
N VAL A 46 -0.84 3.87 7.56
CA VAL A 46 0.31 4.06 8.43
C VAL A 46 1.57 4.19 7.58
N LEU A 47 1.82 5.41 7.12
CA LEU A 47 2.96 5.65 6.24
C LEU A 47 4.19 6.02 7.06
N LEU A 48 4.82 5.01 7.63
CA LEU A 48 6.05 5.19 8.38
C LEU A 48 7.18 4.44 7.68
N ILE A 49 8.34 5.06 7.63
CA ILE A 49 9.49 4.48 6.96
C ILE A 49 10.05 3.32 7.78
N ASP A 50 9.95 3.43 9.10
CA ASP A 50 10.43 2.40 10.00
C ASP A 50 9.50 1.19 9.98
N GLU A 51 8.23 1.42 9.65
CA GLU A 51 7.22 0.36 9.64
C GLU A 51 7.10 -0.26 8.24
N ALA A 52 7.94 0.18 7.32
CA ALA A 52 7.98 -0.39 5.98
C ALA A 52 8.37 -1.86 6.06
N THR A 53 7.40 -2.73 5.85
CA THR A 53 7.63 -4.16 6.02
C THR A 53 7.90 -4.81 4.67
N GLU A 54 8.73 -5.84 4.69
CA GLU A 54 9.06 -6.56 3.47
C GLU A 54 7.96 -7.57 3.17
N TRP A 55 7.39 -7.48 1.99
CA TRP A 55 6.20 -8.26 1.63
C TRP A 55 6.54 -9.25 0.51
N THR A 56 5.62 -10.14 0.22
CA THR A 56 5.78 -11.07 -0.88
C THR A 56 5.50 -10.36 -2.20
N PRO A 57 6.18 -10.78 -3.28
CA PRO A 57 6.03 -10.12 -4.59
C PRO A 57 4.59 -10.20 -5.12
N ASN A 58 4.09 -9.06 -5.58
CA ASN A 58 2.76 -9.01 -6.17
C ASN A 58 2.73 -9.83 -7.46
N ASN A 59 1.88 -10.84 -7.49
CA ASN A 59 1.81 -11.72 -8.64
C ASN A 59 1.06 -11.05 -9.78
N LEU A 60 1.75 -10.85 -10.88
CA LEU A 60 1.14 -10.27 -12.07
C LEU A 60 1.10 -11.31 -13.17
N GLU A 61 -0.09 -11.73 -13.53
CA GLU A 61 -0.27 -12.74 -14.55
C GLU A 61 0.16 -12.18 -15.91
N MET A 1 -20.04 -3.51 -7.97
CA MET A 1 -19.05 -2.67 -7.27
C MET A 1 -18.44 -1.67 -8.25
N SER A 2 -17.89 -0.58 -7.72
CA SER A 2 -17.31 0.47 -8.55
C SER A 2 -15.94 0.88 -8.02
N LEU A 3 -14.92 0.63 -8.81
CA LEU A 3 -13.57 1.09 -8.47
C LEU A 3 -13.48 2.59 -8.75
N ASP A 4 -13.34 3.37 -7.69
CA ASP A 4 -13.33 4.82 -7.79
C ASP A 4 -11.98 5.40 -7.42
N PRO A 5 -11.08 5.55 -8.39
CA PRO A 5 -9.76 6.14 -8.18
C PRO A 5 -9.82 7.66 -7.97
N GLN A 6 -11.02 8.19 -7.85
CA GLN A 6 -11.21 9.62 -7.64
C GLN A 6 -11.12 9.93 -6.15
N LEU A 7 -11.90 9.20 -5.36
CA LEU A 7 -11.90 9.33 -3.92
C LEU A 7 -10.61 8.79 -3.33
N LEU A 8 -10.01 7.84 -4.04
CA LEU A 8 -8.75 7.24 -3.61
C LEU A 8 -7.57 8.09 -4.06
N GLU A 9 -7.71 8.68 -5.24
CA GLU A 9 -6.65 9.48 -5.85
C GLU A 9 -5.42 8.62 -6.12
N VAL A 10 -4.28 9.27 -6.38
CA VAL A 10 -3.05 8.55 -6.65
C VAL A 10 -2.21 8.43 -5.39
N LEU A 11 -2.13 7.24 -4.83
CA LEU A 11 -1.31 6.99 -3.66
C LEU A 11 -0.02 6.30 -4.07
N ALA A 12 1.09 7.00 -3.90
CA ALA A 12 2.38 6.48 -4.32
C ALA A 12 3.34 6.34 -3.14
N CYS A 13 4.24 5.38 -3.25
CA CYS A 13 5.27 5.16 -2.25
C CYS A 13 6.21 6.36 -2.19
N PRO A 14 6.41 6.95 -1.00
CA PRO A 14 7.26 8.16 -0.84
C PRO A 14 8.72 7.89 -1.18
N LYS A 15 9.09 6.62 -1.26
CA LYS A 15 10.47 6.24 -1.52
C LYS A 15 10.81 6.26 -3.01
N ASP A 16 9.89 5.79 -3.84
CA ASP A 16 10.19 5.67 -5.27
C ASP A 16 9.10 6.26 -6.15
N LYS A 17 8.03 6.74 -5.52
CA LYS A 17 6.87 7.31 -6.24
C LYS A 17 6.14 6.23 -7.04
N GLY A 18 6.38 4.97 -6.68
CA GLY A 18 5.66 3.89 -7.31
C GLY A 18 4.27 3.75 -6.76
N PRO A 19 3.27 3.51 -7.62
CA PRO A 19 1.87 3.39 -7.20
C PRO A 19 1.66 2.24 -6.22
N LEU A 20 0.93 2.51 -5.16
CA LEU A 20 0.67 1.53 -4.12
C LEU A 20 -0.46 0.59 -4.56
N ARG A 21 -0.19 -0.71 -4.51
CA ARG A 21 -1.17 -1.70 -4.92
C ARG A 21 -2.11 -2.00 -3.74
N TYR A 22 -3.41 -1.87 -3.99
CA TYR A 22 -4.41 -2.02 -2.95
C TYR A 22 -4.80 -3.48 -2.78
N LEU A 23 -4.54 -4.02 -1.59
CA LEU A 23 -4.94 -5.38 -1.25
C LEU A 23 -6.08 -5.38 -0.23
N GLU A 24 -7.24 -5.89 -0.63
CA GLU A 24 -8.43 -5.90 0.22
C GLU A 24 -8.30 -6.93 1.34
N SER A 25 -7.34 -7.84 1.22
CA SER A 25 -7.14 -8.90 2.20
C SER A 25 -7.11 -8.36 3.63
N GLU A 26 -6.23 -7.41 3.88
CA GLU A 26 -6.14 -6.77 5.19
C GLU A 26 -6.08 -5.26 5.04
N GLN A 27 -6.54 -4.79 3.86
CA GLN A 27 -6.47 -3.37 3.52
C GLN A 27 -5.03 -2.86 3.58
N LEU A 28 -4.23 -3.26 2.60
CA LEU A 28 -2.82 -2.93 2.58
C LEU A 28 -2.47 -2.18 1.30
N LEU A 29 -1.51 -1.28 1.41
CA LEU A 29 -0.98 -0.59 0.25
C LEU A 29 0.44 -1.05 0.01
N VAL A 30 0.64 -1.81 -1.06
CA VAL A 30 1.92 -2.45 -1.30
C VAL A 30 2.64 -1.82 -2.47
N ASN A 31 3.87 -1.36 -2.24
CA ASN A 31 4.72 -0.90 -3.32
C ASN A 31 5.42 -2.10 -3.91
N GLU A 32 5.09 -2.40 -5.16
CA GLU A 32 5.54 -3.64 -5.78
C GLU A 32 6.93 -3.48 -6.37
N ARG A 33 7.42 -2.25 -6.43
CA ARG A 33 8.76 -1.97 -6.94
C ARG A 33 9.80 -2.40 -5.91
N LEU A 34 9.48 -2.26 -4.63
CA LEU A 34 10.42 -2.59 -3.57
C LEU A 34 9.91 -3.75 -2.72
N ASN A 35 8.74 -4.26 -3.10
CA ASN A 35 8.11 -5.38 -2.38
C ASN A 35 7.89 -5.01 -0.91
N LEU A 36 7.40 -3.81 -0.68
CA LEU A 36 7.16 -3.30 0.65
C LEU A 36 5.69 -3.01 0.84
N ALA A 37 5.18 -3.24 2.04
CA ALA A 37 3.76 -3.07 2.31
C ALA A 37 3.53 -2.03 3.39
N TYR A 38 2.67 -1.08 3.07
CA TYR A 38 2.26 -0.05 4.00
C TYR A 38 0.87 -0.40 4.53
N ARG A 39 0.69 -0.27 5.83
CA ARG A 39 -0.53 -0.74 6.46
C ARG A 39 -1.52 0.39 6.68
N ILE A 40 -2.78 0.08 6.44
CA ILE A 40 -3.86 0.98 6.77
C ILE A 40 -4.55 0.48 8.04
N ASP A 41 -4.40 1.23 9.12
CA ASP A 41 -4.96 0.82 10.40
C ASP A 41 -6.30 1.50 10.62
N ASP A 42 -7.37 0.75 10.34
CA ASP A 42 -8.74 1.20 10.50
C ASP A 42 -8.95 2.61 9.93
N GLY A 43 -8.60 2.79 8.66
CA GLY A 43 -8.86 4.06 8.00
C GLY A 43 -7.64 4.97 7.94
N ILE A 44 -6.62 4.67 8.73
CA ILE A 44 -5.42 5.49 8.75
C ILE A 44 -4.26 4.77 8.08
N PRO A 45 -3.87 5.23 6.88
CA PRO A 45 -2.77 4.65 6.11
C PRO A 45 -1.40 5.19 6.55
N VAL A 46 -0.53 4.29 6.99
CA VAL A 46 0.81 4.66 7.39
C VAL A 46 1.77 4.46 6.23
N LEU A 47 2.32 5.55 5.72
CA LEU A 47 3.17 5.50 4.53
C LEU A 47 4.62 5.80 4.88
N LEU A 48 5.00 5.42 6.07
CA LEU A 48 6.36 5.67 6.54
C LEU A 48 7.28 4.52 6.16
N ILE A 49 8.47 4.85 5.68
CA ILE A 49 9.45 3.84 5.27
C ILE A 49 9.82 2.95 6.46
N ASP A 50 10.08 3.56 7.61
CA ASP A 50 10.45 2.82 8.82
C ASP A 50 9.31 1.93 9.29
N GLU A 51 8.09 2.32 8.99
CA GLU A 51 6.90 1.58 9.44
C GLU A 51 6.42 0.61 8.37
N ALA A 52 7.15 0.54 7.28
CA ALA A 52 6.82 -0.38 6.19
C ALA A 52 7.48 -1.73 6.43
N THR A 53 6.78 -2.80 6.08
CA THR A 53 7.30 -4.13 6.23
C THR A 53 7.45 -4.77 4.85
N GLU A 54 8.42 -5.67 4.71
CA GLU A 54 8.62 -6.36 3.44
C GLU A 54 7.52 -7.40 3.26
N TRP A 55 6.92 -7.42 2.09
CA TRP A 55 5.72 -8.22 1.88
C TRP A 55 6.05 -9.52 1.16
N THR A 56 5.33 -10.58 1.53
CA THR A 56 5.46 -11.86 0.87
C THR A 56 4.24 -12.13 -0.01
N PRO A 57 4.47 -12.41 -1.31
CA PRO A 57 3.40 -12.71 -2.27
C PRO A 57 2.41 -13.73 -1.73
N ASN A 58 1.15 -13.59 -2.14
CA ASN A 58 0.07 -14.42 -1.60
C ASN A 58 0.31 -15.91 -1.84
N ASN A 59 0.30 -16.66 -0.74
CA ASN A 59 0.51 -18.11 -0.76
C ASN A 59 1.78 -18.51 -1.50
N LEU A 60 2.87 -18.67 -0.75
CA LEU A 60 4.11 -19.16 -1.30
C LEU A 60 4.09 -20.68 -1.33
N GLU A 61 4.61 -21.27 -2.39
CA GLU A 61 4.67 -22.72 -2.50
C GLU A 61 5.88 -23.24 -1.75
N MET A 1 -20.14 5.53 -12.31
CA MET A 1 -18.86 6.00 -11.70
C MET A 1 -18.46 5.05 -10.57
N SER A 2 -17.40 4.31 -10.79
CA SER A 2 -16.99 3.28 -9.85
C SER A 2 -16.16 3.85 -8.71
N LEU A 3 -16.62 3.57 -7.49
CA LEU A 3 -15.90 3.95 -6.26
C LEU A 3 -15.82 5.47 -6.10
N ASP A 4 -15.10 5.90 -5.08
CA ASP A 4 -14.88 7.31 -4.83
C ASP A 4 -13.39 7.61 -4.75
N PRO A 5 -12.78 7.93 -5.89
CA PRO A 5 -11.33 8.21 -5.99
C PRO A 5 -10.91 9.47 -5.23
N GLN A 6 -11.84 10.13 -4.56
CA GLN A 6 -11.50 11.31 -3.77
C GLN A 6 -11.29 10.92 -2.32
N LEU A 7 -12.04 9.93 -1.85
CA LEU A 7 -11.83 9.38 -0.52
C LEU A 7 -10.58 8.49 -0.51
N LEU A 8 -10.22 7.99 -1.68
CA LEU A 8 -9.03 7.15 -1.83
C LEU A 8 -7.83 7.98 -2.26
N GLU A 9 -8.05 8.82 -3.28
CA GLU A 9 -7.00 9.66 -3.86
C GLU A 9 -5.86 8.80 -4.42
N VAL A 10 -4.73 9.45 -4.68
CA VAL A 10 -3.56 8.75 -5.20
C VAL A 10 -2.59 8.47 -4.07
N LEU A 11 -2.50 7.20 -3.69
CA LEU A 11 -1.62 6.79 -2.61
C LEU A 11 -0.25 6.37 -3.15
N ALA A 12 0.80 7.00 -2.65
CA ALA A 12 2.14 6.73 -3.11
C ALA A 12 3.07 6.41 -1.95
N CYS A 13 4.14 5.70 -2.24
CA CYS A 13 5.13 5.33 -1.25
C CYS A 13 6.11 6.48 -1.01
N PRO A 14 6.28 6.90 0.25
CA PRO A 14 7.18 8.03 0.60
C PRO A 14 8.67 7.71 0.40
N LYS A 15 8.95 6.57 -0.23
CA LYS A 15 10.33 6.19 -0.50
C LYS A 15 10.80 6.83 -1.80
N ASP A 16 9.93 6.83 -2.82
CA ASP A 16 10.27 7.40 -4.12
C ASP A 16 9.03 7.92 -4.85
N LYS A 17 7.92 8.02 -4.13
CA LYS A 17 6.66 8.52 -4.69
C LYS A 17 6.13 7.56 -5.76
N GLY A 18 6.40 6.27 -5.54
CA GLY A 18 5.89 5.24 -6.43
C GLY A 18 4.50 4.80 -6.01
N PRO A 19 3.64 4.40 -6.97
CA PRO A 19 2.25 4.04 -6.69
C PRO A 19 2.12 2.83 -5.74
N LEU A 20 1.11 2.89 -4.88
CA LEU A 20 0.82 1.78 -3.99
C LEU A 20 -0.33 0.94 -4.53
N ARG A 21 -0.13 -0.37 -4.56
CA ARG A 21 -1.13 -1.29 -5.04
C ARG A 21 -1.93 -1.82 -3.85
N TYR A 22 -3.24 -1.60 -3.87
CA TYR A 22 -4.09 -1.94 -2.75
C TYR A 22 -4.53 -3.38 -2.82
N LEU A 23 -4.30 -4.12 -1.74
CA LEU A 23 -4.71 -5.51 -1.65
C LEU A 23 -5.91 -5.67 -0.72
N GLU A 24 -7.06 -6.03 -1.31
CA GLU A 24 -8.26 -6.34 -0.54
C GLU A 24 -8.05 -7.56 0.35
N SER A 25 -6.97 -8.28 0.09
CA SER A 25 -6.63 -9.47 0.84
C SER A 25 -6.38 -9.17 2.32
N GLU A 26 -5.57 -8.15 2.58
CA GLU A 26 -5.15 -7.85 3.95
C GLU A 26 -5.30 -6.37 4.30
N GLN A 27 -5.91 -5.58 3.42
CA GLN A 27 -6.09 -4.14 3.65
C GLN A 27 -4.73 -3.44 3.73
N LEU A 28 -3.81 -3.85 2.86
CA LEU A 28 -2.47 -3.30 2.87
C LEU A 28 -2.16 -2.58 1.57
N LEU A 29 -1.19 -1.68 1.62
CA LEU A 29 -0.73 -0.96 0.43
C LEU A 29 0.65 -1.44 0.06
N VAL A 30 0.76 -2.14 -1.07
CA VAL A 30 2.02 -2.73 -1.46
C VAL A 30 2.58 -2.03 -2.69
N ASN A 31 3.77 -1.47 -2.55
CA ASN A 31 4.44 -0.82 -3.67
C ASN A 31 4.93 -1.87 -4.66
N GLU A 32 4.43 -1.80 -5.88
CA GLU A 32 4.66 -2.84 -6.88
C GLU A 32 6.14 -2.90 -7.31
N ARG A 33 6.87 -1.82 -7.07
CA ARG A 33 8.28 -1.76 -7.46
C ARG A 33 9.18 -2.31 -6.35
N LEU A 34 9.01 -1.79 -5.15
CA LEU A 34 9.89 -2.13 -4.03
C LEU A 34 9.46 -3.41 -3.33
N ASN A 35 8.20 -3.81 -3.54
CA ASN A 35 7.64 -5.00 -2.90
C ASN A 35 7.55 -4.79 -1.38
N LEU A 36 7.21 -3.56 -1.00
CA LEU A 36 7.08 -3.20 0.40
C LEU A 36 5.64 -2.78 0.68
N ALA A 37 5.17 -3.07 1.89
CA ALA A 37 3.77 -2.87 2.23
C ALA A 37 3.60 -1.95 3.42
N TYR A 38 2.63 -1.06 3.31
CA TYR A 38 2.24 -0.18 4.40
C TYR A 38 0.91 -0.64 4.97
N ARG A 39 0.72 -0.41 6.26
CA ARG A 39 -0.46 -0.92 6.95
C ARG A 39 -1.49 0.18 7.13
N ILE A 40 -2.76 -0.18 7.00
CA ILE A 40 -3.83 0.79 7.18
C ILE A 40 -4.60 0.47 8.45
N ASP A 41 -4.89 1.48 9.25
CA ASP A 41 -5.61 1.29 10.51
C ASP A 41 -6.82 2.20 10.57
N ASP A 42 -7.98 1.67 10.18
CA ASP A 42 -9.25 2.39 10.21
C ASP A 42 -9.16 3.75 9.50
N GLY A 43 -9.09 3.70 8.17
CA GLY A 43 -9.10 4.92 7.37
C GLY A 43 -7.77 5.66 7.37
N ILE A 44 -6.89 5.31 8.29
CA ILE A 44 -5.61 5.99 8.41
C ILE A 44 -4.48 5.10 7.94
N PRO A 45 -3.84 5.47 6.82
CA PRO A 45 -2.71 4.73 6.27
C PRO A 45 -1.41 5.04 7.01
N VAL A 46 -0.81 4.01 7.60
CA VAL A 46 0.46 4.15 8.28
C VAL A 46 1.59 4.20 7.25
N LEU A 47 2.02 5.40 6.91
CA LEU A 47 3.00 5.59 5.85
C LEU A 47 4.36 5.93 6.42
N LEU A 48 4.71 5.30 7.52
CA LEU A 48 6.01 5.50 8.13
C LEU A 48 7.05 4.66 7.42
N ILE A 49 8.09 5.30 6.93
CA ILE A 49 9.17 4.62 6.21
C ILE A 49 9.83 3.56 7.09
N ASP A 50 9.96 3.88 8.37
CA ASP A 50 10.61 2.98 9.32
C ASP A 50 9.67 1.85 9.75
N GLU A 51 8.41 1.95 9.34
CA GLU A 51 7.41 0.94 9.65
C GLU A 51 7.07 0.10 8.41
N ALA A 52 7.78 0.36 7.32
CA ALA A 52 7.55 -0.35 6.07
C ALA A 52 7.98 -1.81 6.19
N THR A 53 7.06 -2.71 5.86
CA THR A 53 7.32 -4.14 6.00
C THR A 53 7.43 -4.78 4.62
N GLU A 54 8.23 -5.83 4.51
CA GLU A 54 8.36 -6.55 3.26
C GLU A 54 7.25 -7.57 3.14
N TRP A 55 6.54 -7.57 2.03
CA TRP A 55 5.40 -8.44 1.86
C TRP A 55 5.76 -9.59 0.93
N THR A 56 5.05 -10.70 1.07
CA THR A 56 5.22 -11.83 0.19
C THR A 56 4.86 -11.43 -1.24
N PRO A 57 5.77 -11.72 -2.21
CA PRO A 57 5.56 -11.36 -3.62
C PRO A 57 4.13 -11.60 -4.09
N ASN A 58 3.52 -10.55 -4.63
CA ASN A 58 2.14 -10.60 -5.09
C ASN A 58 1.93 -11.77 -6.04
N ASN A 59 0.79 -12.43 -5.91
CA ASN A 59 0.51 -13.64 -6.67
C ASN A 59 0.21 -13.33 -8.14
N LEU A 60 1.26 -13.18 -8.91
CA LEU A 60 1.14 -13.02 -10.35
C LEU A 60 1.08 -14.39 -11.00
N GLU A 61 -0.10 -14.76 -11.48
CA GLU A 61 -0.29 -16.08 -12.05
C GLU A 61 0.17 -16.13 -13.51
N MET A 1 -13.65 8.64 -12.52
CA MET A 1 -14.11 7.44 -13.23
C MET A 1 -14.71 6.45 -12.24
N SER A 2 -16.01 6.61 -11.97
CA SER A 2 -16.74 5.78 -11.02
C SER A 2 -16.12 5.82 -9.62
N LEU A 3 -16.68 5.02 -8.70
CA LEU A 3 -16.16 4.92 -7.33
C LEU A 3 -16.17 6.27 -6.62
N ASP A 4 -15.53 6.31 -5.47
CA ASP A 4 -15.36 7.55 -4.73
C ASP A 4 -13.87 7.79 -4.48
N PRO A 5 -13.18 8.45 -5.44
CA PRO A 5 -11.75 8.72 -5.35
C PRO A 5 -11.38 9.70 -4.23
N GLN A 6 -12.40 10.23 -3.56
CA GLN A 6 -12.19 11.17 -2.48
C GLN A 6 -11.97 10.43 -1.17
N LEU A 7 -12.80 9.42 -0.93
CA LEU A 7 -12.67 8.59 0.27
C LEU A 7 -11.51 7.61 0.12
N LEU A 8 -11.08 7.41 -1.12
CA LEU A 8 -9.96 6.53 -1.41
C LEU A 8 -8.66 7.30 -1.50
N GLU A 9 -8.77 8.58 -1.88
CA GLU A 9 -7.60 9.46 -2.02
C GLU A 9 -6.63 8.94 -3.09
N VAL A 10 -5.51 9.62 -3.23
CA VAL A 10 -4.42 9.13 -4.07
C VAL A 10 -3.28 8.65 -3.18
N LEU A 11 -3.27 7.37 -2.87
CA LEU A 11 -2.30 6.82 -1.94
C LEU A 11 -1.00 6.46 -2.64
N ALA A 12 0.03 7.23 -2.35
CA ALA A 12 1.36 6.96 -2.88
C ALA A 12 2.34 6.81 -1.72
N CYS A 13 3.37 5.98 -1.92
CA CYS A 13 4.36 5.74 -0.89
C CYS A 13 5.18 6.99 -0.62
N PRO A 14 5.40 7.31 0.67
CA PRO A 14 6.09 8.55 1.08
C PRO A 14 7.54 8.60 0.64
N LYS A 15 8.16 7.44 0.46
CA LYS A 15 9.56 7.37 0.07
C LYS A 15 9.72 7.34 -1.45
N ASP A 16 9.10 6.36 -2.08
CA ASP A 16 9.30 6.12 -3.51
C ASP A 16 8.38 6.99 -4.36
N LYS A 17 7.24 7.36 -3.79
CA LYS A 17 6.24 8.21 -4.46
C LYS A 17 5.65 7.48 -5.67
N GLY A 18 5.82 6.16 -5.68
CA GLY A 18 5.30 5.36 -6.78
C GLY A 18 3.92 4.81 -6.47
N PRO A 19 3.31 4.10 -7.44
CA PRO A 19 1.96 3.56 -7.29
C PRO A 19 1.87 2.47 -6.23
N LEU A 20 0.78 2.49 -5.48
CA LEU A 20 0.54 1.49 -4.45
C LEU A 20 -0.60 0.57 -4.85
N ARG A 21 -0.43 -0.72 -4.59
CA ARG A 21 -1.49 -1.68 -4.82
C ARG A 21 -2.32 -1.80 -3.55
N TYR A 22 -3.61 -1.59 -3.67
CA TYR A 22 -4.50 -1.64 -2.53
C TYR A 22 -4.95 -3.09 -2.31
N LEU A 23 -4.46 -3.68 -1.24
CA LEU A 23 -4.86 -5.02 -0.87
C LEU A 23 -6.13 -4.93 -0.03
N GLU A 24 -7.26 -5.09 -0.70
CA GLU A 24 -8.56 -4.85 -0.08
C GLU A 24 -8.84 -5.85 1.03
N SER A 25 -8.20 -7.00 0.96
CA SER A 25 -8.46 -8.09 1.87
C SER A 25 -7.92 -7.81 3.28
N GLU A 26 -6.83 -7.06 3.37
CA GLU A 26 -6.22 -6.79 4.67
C GLU A 26 -5.91 -5.31 4.87
N GLN A 27 -6.40 -4.47 3.95
CA GLN A 27 -6.14 -3.03 3.98
C GLN A 27 -4.64 -2.75 3.99
N LEU A 28 -3.97 -3.17 2.91
CA LEU A 28 -2.53 -2.99 2.80
C LEU A 28 -2.19 -2.26 1.51
N LEU A 29 -1.13 -1.48 1.54
CA LEU A 29 -0.64 -0.79 0.36
C LEU A 29 0.72 -1.35 -0.03
N VAL A 30 0.78 -2.06 -1.15
CA VAL A 30 1.99 -2.75 -1.55
C VAL A 30 2.61 -2.07 -2.77
N ASN A 31 3.91 -1.82 -2.71
CA ASN A 31 4.62 -1.24 -3.84
C ASN A 31 5.66 -2.21 -4.35
N GLU A 32 5.47 -2.65 -5.59
CA GLU A 32 6.36 -3.63 -6.21
C GLU A 32 7.76 -3.05 -6.38
N ARG A 33 7.84 -1.72 -6.43
CA ARG A 33 9.09 -1.01 -6.64
C ARG A 33 9.94 -0.99 -5.37
N LEU A 34 9.34 -1.34 -4.24
CA LEU A 34 10.07 -1.33 -2.97
C LEU A 34 10.05 -2.72 -2.32
N ASN A 35 9.13 -3.57 -2.75
CA ASN A 35 8.92 -4.89 -2.15
C ASN A 35 8.42 -4.73 -0.71
N LEU A 36 7.91 -3.53 -0.44
CA LEU A 36 7.45 -3.19 0.90
C LEU A 36 5.97 -2.85 0.88
N ALA A 37 5.31 -3.04 2.01
CA ALA A 37 3.90 -2.74 2.14
C ALA A 37 3.64 -1.84 3.34
N TYR A 38 2.72 -0.91 3.16
CA TYR A 38 2.27 -0.04 4.23
C TYR A 38 0.90 -0.49 4.70
N ARG A 39 0.67 -0.43 6.00
CA ARG A 39 -0.60 -0.89 6.54
C ARG A 39 -1.59 0.25 6.66
N ILE A 40 -2.84 -0.02 6.33
CA ILE A 40 -3.92 0.92 6.58
C ILE A 40 -4.70 0.42 7.77
N ASP A 41 -4.63 1.14 8.87
CA ASP A 41 -5.27 0.70 10.10
C ASP A 41 -6.54 1.48 10.36
N ASP A 42 -7.66 0.88 9.93
CA ASP A 42 -8.99 1.43 10.16
C ASP A 42 -9.06 2.92 9.77
N GLY A 43 -9.02 3.18 8.46
CA GLY A 43 -9.16 4.53 7.96
C GLY A 43 -7.85 5.29 7.88
N ILE A 44 -6.84 4.84 8.62
CA ILE A 44 -5.58 5.56 8.67
C ILE A 44 -4.48 4.79 7.96
N PRO A 45 -4.06 5.25 6.78
CA PRO A 45 -2.94 4.67 6.05
C PRO A 45 -1.60 5.05 6.68
N VAL A 46 -0.95 4.07 7.28
CA VAL A 46 0.32 4.30 7.95
C VAL A 46 1.45 4.35 6.93
N LEU A 47 1.61 5.52 6.31
CA LEU A 47 2.66 5.71 5.33
C LEU A 47 3.94 6.14 6.00
N LEU A 48 4.65 5.17 6.57
CA LEU A 48 5.92 5.42 7.23
C LEU A 48 6.97 4.45 6.70
N ILE A 49 8.19 4.94 6.53
CA ILE A 49 9.27 4.13 6.01
C ILE A 49 9.71 3.12 7.05
N ASP A 50 9.75 3.57 8.29
CA ASP A 50 10.15 2.72 9.42
C ASP A 50 9.11 1.62 9.67
N GLU A 51 7.86 1.91 9.30
CA GLU A 51 6.76 1.00 9.56
C GLU A 51 6.53 0.08 8.37
N ALA A 52 7.20 0.36 7.26
CA ALA A 52 7.05 -0.42 6.05
C ALA A 52 7.64 -1.81 6.22
N THR A 53 6.81 -2.83 5.98
CA THR A 53 7.24 -4.20 6.13
C THR A 53 7.44 -4.83 4.75
N GLU A 54 8.33 -5.83 4.67
CA GLU A 54 8.59 -6.51 3.41
C GLU A 54 7.44 -7.48 3.10
N TRP A 55 6.85 -7.31 1.92
CA TRP A 55 5.65 -8.05 1.57
C TRP A 55 5.69 -8.46 0.10
N THR A 56 5.07 -9.59 -0.20
CA THR A 56 5.06 -10.16 -1.55
C THR A 56 6.48 -10.49 -2.03
N PRO A 57 6.97 -11.69 -1.67
CA PRO A 57 8.28 -12.16 -2.13
C PRO A 57 8.24 -12.60 -3.59
N ASN A 58 8.93 -11.86 -4.44
CA ASN A 58 8.94 -12.14 -5.87
C ASN A 58 9.91 -13.27 -6.18
N ASN A 59 9.74 -13.89 -7.35
CA ASN A 59 10.64 -14.95 -7.79
C ASN A 59 12.07 -14.43 -7.96
N LEU A 60 13.02 -15.33 -7.91
CA LEU A 60 14.42 -14.98 -8.08
C LEU A 60 14.72 -14.72 -9.54
N GLU A 61 14.64 -13.46 -9.94
CA GLU A 61 14.95 -13.05 -11.29
C GLU A 61 16.46 -13.03 -11.50
N MET A 1 -23.45 2.63 -10.74
CA MET A 1 -22.63 2.50 -9.51
C MET A 1 -21.52 3.54 -9.49
N SER A 2 -20.61 3.42 -10.45
CA SER A 2 -19.46 4.32 -10.55
C SER A 2 -18.58 4.27 -9.29
N LEU A 3 -17.63 5.18 -9.20
CA LEU A 3 -16.73 5.23 -8.06
C LEU A 3 -16.69 6.65 -7.50
N ASP A 4 -16.40 6.78 -6.22
CA ASP A 4 -16.27 8.10 -5.60
C ASP A 4 -14.83 8.33 -5.18
N PRO A 5 -14.01 8.88 -6.10
CA PRO A 5 -12.57 9.05 -5.89
C PRO A 5 -12.23 9.91 -4.68
N GLN A 6 -13.20 10.68 -4.18
CA GLN A 6 -12.97 11.55 -3.03
C GLN A 6 -12.77 10.72 -1.76
N LEU A 7 -13.38 9.54 -1.72
CA LEU A 7 -13.28 8.67 -0.56
C LEU A 7 -12.14 7.66 -0.72
N LEU A 8 -11.25 7.93 -1.66
CA LEU A 8 -10.10 7.06 -1.91
C LEU A 8 -8.85 7.90 -2.17
N GLU A 9 -8.95 8.80 -3.14
CA GLU A 9 -7.87 9.68 -3.55
C GLU A 9 -6.70 8.90 -4.16
N VAL A 10 -5.69 9.63 -4.60
CA VAL A 10 -4.52 9.01 -5.21
C VAL A 10 -3.54 8.56 -4.14
N LEU A 11 -3.61 7.28 -3.81
CA LEU A 11 -2.69 6.69 -2.85
C LEU A 11 -1.36 6.40 -3.52
N ALA A 12 -0.38 7.23 -3.23
CA ALA A 12 0.93 7.11 -3.85
C ALA A 12 1.99 6.77 -2.84
N CYS A 13 3.06 6.16 -3.31
CA CYS A 13 4.19 5.78 -2.47
C CYS A 13 4.86 7.02 -1.88
N PRO A 14 5.45 6.90 -0.68
CA PRO A 14 6.09 8.02 0.00
C PRO A 14 7.40 8.47 -0.68
N LYS A 15 8.07 7.55 -1.37
CA LYS A 15 9.36 7.86 -1.98
C LYS A 15 9.23 8.07 -3.49
N ASP A 16 8.98 6.99 -4.24
CA ASP A 16 8.85 7.07 -5.69
C ASP A 16 7.52 7.70 -6.08
N LYS A 17 6.54 7.58 -5.19
CA LYS A 17 5.22 8.18 -5.35
C LYS A 17 4.43 7.57 -6.51
N GLY A 18 4.72 6.32 -6.83
CA GLY A 18 3.90 5.61 -7.79
C GLY A 18 2.60 5.14 -7.17
N PRO A 19 1.59 4.79 -8.00
CA PRO A 19 0.30 4.32 -7.50
C PRO A 19 0.42 3.01 -6.73
N LEU A 20 0.04 3.06 -5.46
CA LEU A 20 0.09 1.87 -4.59
C LEU A 20 -0.96 0.85 -5.02
N ARG A 21 -0.60 -0.42 -4.94
CA ARG A 21 -1.55 -1.48 -5.25
C ARG A 21 -2.38 -1.80 -4.02
N TYR A 22 -3.69 -1.78 -4.19
CA TYR A 22 -4.60 -1.98 -3.08
C TYR A 22 -4.97 -3.46 -2.96
N LEU A 23 -4.74 -4.02 -1.77
CA LEU A 23 -5.11 -5.39 -1.51
C LEU A 23 -6.31 -5.44 -0.57
N GLU A 24 -7.44 -5.94 -1.09
CA GLU A 24 -8.68 -6.03 -0.32
C GLU A 24 -8.52 -6.95 0.89
N SER A 25 -7.65 -7.94 0.73
CA SER A 25 -7.49 -9.01 1.71
C SER A 25 -7.30 -8.48 3.13
N GLU A 26 -6.16 -7.86 3.40
CA GLU A 26 -5.86 -7.40 4.76
C GLU A 26 -5.78 -5.88 4.82
N GLN A 27 -6.36 -5.20 3.82
CA GLN A 27 -6.32 -3.74 3.76
C GLN A 27 -4.87 -3.25 3.75
N LEU A 28 -4.15 -3.59 2.69
CA LEU A 28 -2.74 -3.26 2.59
C LEU A 28 -2.42 -2.53 1.29
N LEU A 29 -1.45 -1.64 1.36
CA LEU A 29 -0.96 -0.94 0.17
C LEU A 29 0.47 -1.38 -0.10
N VAL A 30 0.70 -2.00 -1.24
CA VAL A 30 2.00 -2.59 -1.54
C VAL A 30 2.71 -1.80 -2.62
N ASN A 31 3.98 -1.50 -2.38
CA ASN A 31 4.80 -0.74 -3.32
C ASN A 31 5.82 -1.65 -3.99
N GLU A 32 5.75 -1.68 -5.32
CA GLU A 32 6.63 -2.50 -6.13
C GLU A 32 8.09 -2.08 -5.97
N ARG A 33 8.33 -0.78 -5.93
CA ARG A 33 9.68 -0.23 -6.02
C ARG A 33 10.50 -0.46 -4.75
N LEU A 34 9.83 -0.76 -3.65
CA LEU A 34 10.52 -0.95 -2.39
C LEU A 34 10.29 -2.33 -1.80
N ASN A 35 9.42 -3.12 -2.44
CA ASN A 35 9.09 -4.47 -1.96
C ASN A 35 8.50 -4.41 -0.55
N LEU A 36 7.86 -3.29 -0.24
CA LEU A 36 7.33 -3.06 1.09
C LEU A 36 5.82 -2.86 1.03
N ALA A 37 5.16 -3.11 2.15
CA ALA A 37 3.73 -2.90 2.26
C ALA A 37 3.42 -1.91 3.36
N TYR A 38 2.59 -0.94 3.04
CA TYR A 38 2.25 0.10 3.99
C TYR A 38 0.93 -0.26 4.67
N ARG A 39 0.91 -0.06 5.98
CA ARG A 39 -0.17 -0.58 6.81
C ARG A 39 -1.29 0.44 6.94
N ILE A 40 -2.52 -0.04 6.90
CA ILE A 40 -3.68 0.81 7.12
C ILE A 40 -4.27 0.47 8.47
N ASP A 41 -4.18 1.40 9.40
CA ASP A 41 -4.61 1.14 10.77
C ASP A 41 -5.91 1.88 11.05
N ASP A 42 -7.01 1.15 10.90
CA ASP A 42 -8.35 1.68 11.12
C ASP A 42 -8.60 2.96 10.33
N GLY A 43 -8.64 2.83 9.01
CA GLY A 43 -8.98 3.95 8.15
C GLY A 43 -7.81 4.88 7.88
N ILE A 44 -6.73 4.73 8.63
CA ILE A 44 -5.57 5.59 8.48
C ILE A 44 -4.41 4.82 7.83
N PRO A 45 -4.11 5.13 6.56
CA PRO A 45 -2.99 4.51 5.84
C PRO A 45 -1.66 5.09 6.27
N VAL A 46 -0.86 4.28 6.95
CA VAL A 46 0.44 4.70 7.43
C VAL A 46 1.49 4.52 6.34
N LEU A 47 1.79 5.59 5.63
CA LEU A 47 2.73 5.54 4.52
C LEU A 47 4.15 5.83 5.00
N LEU A 48 4.51 5.23 6.13
CA LEU A 48 5.84 5.38 6.67
C LEU A 48 6.70 4.18 6.28
N ILE A 49 7.84 4.46 5.65
CA ILE A 49 8.73 3.41 5.17
C ILE A 49 9.29 2.58 6.33
N ASP A 50 9.46 3.23 7.48
CA ASP A 50 9.98 2.57 8.67
C ASP A 50 8.93 1.64 9.29
N GLU A 51 7.66 1.95 9.06
CA GLU A 51 6.57 1.14 9.56
C GLU A 51 6.16 0.09 8.53
N ALA A 52 6.68 0.24 7.32
CA ALA A 52 6.40 -0.69 6.25
C ALA A 52 7.19 -1.98 6.44
N THR A 53 6.54 -3.09 6.18
CA THR A 53 7.17 -4.39 6.31
C THR A 53 7.38 -5.01 4.93
N GLU A 54 8.28 -5.97 4.86
CA GLU A 54 8.57 -6.65 3.60
C GLU A 54 7.39 -7.52 3.19
N TRP A 55 6.89 -7.30 1.99
CA TRP A 55 5.72 -8.01 1.51
C TRP A 55 5.90 -8.36 0.05
N THR A 56 5.27 -9.45 -0.37
CA THR A 56 5.37 -9.96 -1.73
C THR A 56 6.75 -10.57 -1.98
N PRO A 57 6.90 -11.87 -1.67
CA PRO A 57 8.14 -12.60 -1.89
C PRO A 57 8.30 -13.02 -3.35
N ASN A 58 9.53 -13.15 -3.78
CA ASN A 58 9.82 -13.56 -5.15
C ASN A 58 9.99 -15.07 -5.21
N ASN A 59 9.22 -15.74 -6.06
CA ASN A 59 9.40 -17.15 -6.31
C ASN A 59 10.67 -17.36 -7.12
N LEU A 60 11.77 -17.53 -6.40
CA LEU A 60 13.07 -17.63 -7.02
C LEU A 60 13.26 -18.97 -7.73
N GLU A 61 14.15 -18.97 -8.69
CA GLU A 61 14.42 -20.13 -9.52
C GLU A 61 15.27 -21.16 -8.77
#